data_9OUG
#
_entry.id   9OUG
#
_cell.length_a   60.151
_cell.length_b   60.151
_cell.length_c   584.428
_cell.angle_alpha   90
_cell.angle_beta   90
_cell.angle_gamma   90
#
_symmetry.space_group_name_H-M   'P 41 21 2'
#
loop_
_entity.id
_entity.type
_entity.pdbx_description
1 polymer Nucleoprotein
2 non-polymer 5-(4-{[(2R,6S)-6-(methoxymethyl)-6-methyl-1,4-dioxan-2-yl]methoxy}phenyl)-2-oxo-6-(trifluoromethyl)-1,2-dihydropyridine-3-carboxamide
3 water water
#
_entity_poly.entity_id   1
_entity_poly.type   'polypeptide(L)'
_entity_poly.pdbx_seq_one_letter_code
;MRSYEQMETDGERQNATEIRASVGKMIGGIGRFYIQMCTELKLSDYEGRLIQNSLTIERMVLSAFDERRNKYLEEHPSAG
KDPKKTGGPIYRRVNGKWMRELILYDKEEIRRIWRQANNGDDATAGLTHMMIWHSNLNDATYQRTRALVRTGMDPRMCSL
MQGSTLPRRSGAAGAAVKGVGTMVMELVRMIKRGINDRNFWRGENGRKTRIAYERMCNILKGKFQTAAQKAMMDQVRESR
NPGNAEFEDLTFLARSALILRGSVAHKSCLPACVYGPAVASGYDFEREGYSLVGIDPFRLLQNSQVYSLIRPNENPAHKS
QLVWMACHSAAFEDLRVLSFIKGTKVLPRGKLSTRGVQIASNENMETMESSTLELRSRYWAIRTRSGGNTNQQRASAGQI
SIQPTFSVQRNLPFDRTTIMAAFNGNTEGRTSDMRTEIIRMMESARPEDVSFQGRGVFELSDEKAASPIVPSFDMSNEGS
YFFGDNAEEYDNHHHHHH
;
_entity_poly.pdbx_strand_id   A,B
#
# COMPACT_ATOMS: atom_id res chain seq x y z
N GLN A 14 -21.12 -2.77 -4.27
CA GLN A 14 -20.65 -2.55 -2.90
C GLN A 14 -19.22 -2.04 -2.82
N ASN A 15 -18.44 -2.19 -3.90
CA ASN A 15 -17.04 -1.78 -3.92
C ASN A 15 -16.86 -0.26 -3.88
N ALA A 16 -17.82 0.50 -4.44
CA ALA A 16 -17.73 1.97 -4.47
C ALA A 16 -17.72 2.57 -3.05
N THR A 17 -18.54 2.04 -2.15
CA THR A 17 -18.60 2.50 -0.77
C THR A 17 -17.38 2.02 0.04
N GLU A 18 -16.75 0.90 -0.37
CA GLU A 18 -15.56 0.34 0.26
C GLU A 18 -14.32 1.15 -0.07
N ILE A 19 -14.28 1.79 -1.26
CA ILE A 19 -13.17 2.66 -1.63
C ILE A 19 -13.26 3.90 -0.74
N ARG A 20 -14.45 4.49 -0.65
CA ARG A 20 -14.75 5.65 0.18
C ARG A 20 -14.37 5.44 1.66
N ALA A 21 -14.62 4.25 2.22
CA ALA A 21 -14.32 3.93 3.61
C ALA A 21 -12.82 3.83 3.87
N SER A 22 -12.08 3.24 2.92
CA SER A 22 -10.63 3.07 3.02
C SER A 22 -9.88 4.36 2.78
N VAL A 23 -10.45 5.28 1.97
CA VAL A 23 -9.89 6.61 1.77
C VAL A 23 -10.22 7.45 3.02
N GLY A 24 -11.44 7.33 3.52
CA GLY A 24 -11.85 8.03 4.74
C GLY A 24 -11.02 7.62 5.95
N LYS A 25 -10.66 6.33 6.04
CA LYS A 25 -9.82 5.77 7.09
C LYS A 25 -8.40 6.39 7.04
N MET A 26 -7.91 6.63 5.83
CA MET A 26 -6.62 7.25 5.60
C MET A 26 -6.67 8.70 6.09
N ILE A 27 -7.76 9.42 5.74
CA ILE A 27 -7.97 10.82 6.11
C ILE A 27 -8.04 10.96 7.61
N GLY A 28 -8.84 10.10 8.24
CA GLY A 28 -9.05 10.07 9.68
C GLY A 28 -7.79 9.88 10.48
N GLY A 29 -6.87 9.06 9.96
CA GLY A 29 -5.58 8.79 10.58
C GLY A 29 -4.67 10.00 10.55
N ILE A 30 -4.69 10.77 9.43
CA ILE A 30 -3.96 12.04 9.28
C ILE A 30 -4.55 13.07 10.28
N GLY A 31 -5.87 13.05 10.45
CA GLY A 31 -6.57 13.90 11.38
C GLY A 31 -6.16 13.61 12.81
N ARG A 32 -6.29 12.35 13.23
CA ARG A 32 -5.91 11.94 14.59
C ARG A 32 -4.43 12.21 14.85
N PHE A 33 -3.60 12.06 13.83
CA PHE A 33 -2.17 12.31 13.97
C PHE A 33 -1.91 13.77 14.23
N TYR A 34 -2.56 14.65 13.47
CA TYR A 34 -2.37 16.07 13.63
C TYR A 34 -2.85 16.53 15.01
N ILE A 35 -4.00 16.03 15.48
CA ILE A 35 -4.52 16.36 16.81
C ILE A 35 -3.52 15.97 17.91
N GLN A 36 -2.95 14.76 17.83
CA GLN A 36 -1.99 14.32 18.81
C GLN A 36 -0.73 15.17 18.77
N MET A 37 -0.26 15.56 17.57
CA MET A 37 0.93 16.38 17.43
C MET A 37 0.73 17.79 17.95
N CYS A 38 -0.43 18.40 17.68
CA CYS A 38 -0.76 19.73 18.22
C CYS A 38 -0.78 19.70 19.74
N THR A 39 -1.31 18.60 20.30
CA THR A 39 -1.40 18.33 21.73
C THR A 39 0.00 18.19 22.35
N GLU A 40 0.91 17.39 21.74
CA GLU A 40 2.28 17.23 22.21
C GLU A 40 3.00 18.57 22.22
N LEU A 41 2.86 19.33 21.13
CA LEU A 41 3.50 20.64 21.01
C LEU A 41 2.81 21.76 21.76
N LYS A 42 1.67 21.49 22.43
CA LYS A 42 0.91 22.47 23.19
C LYS A 42 0.51 23.66 22.32
N LEU A 43 0.16 23.41 21.06
CA LEU A 43 -0.24 24.49 20.16
C LEU A 43 -1.66 24.95 20.47
N SER A 44 -1.91 26.26 20.36
CA SER A 44 -3.24 26.81 20.55
C SER A 44 -4.15 26.39 19.36
N ASP A 45 -5.44 26.78 19.38
CA ASP A 45 -6.34 26.50 18.25
C ASP A 45 -5.81 27.22 16.99
N TYR A 46 -5.40 28.50 17.14
CA TYR A 46 -4.88 29.35 16.07
C TYR A 46 -3.57 28.78 15.51
N GLU A 47 -2.62 28.45 16.40
CA GLU A 47 -1.32 27.89 16.01
C GLU A 47 -1.51 26.53 15.36
N GLY A 48 -2.45 25.73 15.82
CA GLY A 48 -2.75 24.42 15.23
C GLY A 48 -3.27 24.56 13.81
N ARG A 49 -4.06 25.60 13.54
CA ARG A 49 -4.56 25.87 12.19
C ARG A 49 -3.60 26.73 11.34
N LEU A 50 -2.39 27.02 11.83
CA LEU A 50 -1.42 27.77 11.07
C LEU A 50 -0.86 26.77 10.05
N ILE A 51 -0.98 27.12 8.75
CA ILE A 51 -0.53 26.29 7.66
C ILE A 51 0.97 26.02 7.72
N GLN A 52 1.76 26.96 8.24
CA GLN A 52 3.21 26.73 8.40
C GLN A 52 3.48 25.64 9.45
N ASN A 53 2.69 25.62 10.53
CA ASN A 53 2.81 24.56 11.53
C ASN A 53 2.39 23.22 10.98
N SER A 54 1.40 23.21 10.10
CA SER A 54 0.92 21.99 9.47
C SER A 54 2.01 21.42 8.60
N LEU A 55 2.68 22.30 7.82
CA LEU A 55 3.78 21.88 6.96
C LEU A 55 4.91 21.22 7.73
N THR A 56 5.34 21.83 8.84
CA THR A 56 6.39 21.28 9.70
C THR A 56 6.00 19.91 10.24
N ILE A 57 4.77 19.73 10.72
CA ILE A 57 4.31 18.46 11.27
C ILE A 57 4.16 17.38 10.18
N GLU A 58 3.61 17.77 9.00
CA GLU A 58 3.46 16.89 7.84
C GLU A 58 4.84 16.36 7.41
N ARG A 59 5.83 17.25 7.34
CA ARG A 59 7.20 16.93 6.96
C ARG A 59 7.90 16.10 8.00
N MET A 60 7.63 16.35 9.28
CA MET A 60 8.20 15.54 10.36
C MET A 60 7.83 14.04 10.20
N VAL A 61 6.55 13.70 9.98
CA VAL A 61 6.15 12.30 9.80
C VAL A 61 6.67 11.73 8.47
N LEU A 62 6.72 12.53 7.38
CA LEU A 62 7.30 12.03 6.11
C LEU A 62 8.78 11.75 6.31
N SER A 63 9.47 12.59 7.08
CA SER A 63 10.87 12.39 7.40
C SER A 63 11.06 11.19 8.33
N ALA A 64 10.13 10.93 9.25
CA ALA A 64 10.26 9.80 10.17
C ALA A 64 10.19 8.45 9.45
N PHE A 65 9.46 8.38 8.32
CA PHE A 65 9.32 7.14 7.56
C PHE A 65 10.19 7.05 6.31
N ASP A 66 10.67 8.19 5.82
CA ASP A 66 11.51 8.27 4.65
C ASP A 66 12.82 7.52 4.82
N GLU A 67 13.46 7.65 5.99
CA GLU A 67 14.74 7.01 6.29
C GLU A 67 15.82 7.36 5.25
N ARG A 68 15.82 8.64 4.82
CA ARG A 68 16.73 9.26 3.87
C ARG A 68 16.77 8.57 2.50
N ARG A 69 15.68 7.90 2.10
CA ARG A 69 15.57 7.23 0.80
C ARG A 69 15.01 8.14 -0.31
N ASN A 70 14.50 9.33 0.04
CA ASN A 70 13.84 10.28 -0.86
C ASN A 70 12.57 9.70 -1.48
N LYS A 71 11.82 8.92 -0.69
CA LYS A 71 10.58 8.30 -1.12
C LYS A 71 9.40 9.23 -0.82
N TYR A 72 9.34 9.81 0.39
CA TYR A 72 8.23 10.68 0.79
C TYR A 72 8.60 12.17 0.88
N LEU A 73 9.90 12.47 0.94
CA LEU A 73 10.39 13.81 1.17
C LEU A 73 11.82 14.01 0.65
N GLU A 74 12.24 15.28 0.53
CA GLU A 74 13.60 15.69 0.20
C GLU A 74 14.06 16.56 1.38
N GLU A 75 15.19 16.22 2.01
CA GLU A 75 15.73 17.05 3.10
C GLU A 75 17.18 17.39 2.81
N HIS A 76 17.65 18.54 3.33
CA HIS A 76 19.03 18.92 3.14
C HIS A 76 19.90 18.16 4.16
N PRO A 77 20.98 17.53 3.69
CA PRO A 77 21.82 16.75 4.61
C PRO A 77 22.84 17.60 5.41
N GLY A 80 19.41 14.72 8.86
CA GLY A 80 19.73 16.11 8.61
C GLY A 80 20.96 16.58 9.37
N LYS A 81 21.02 16.20 10.64
CA LYS A 81 22.14 16.45 11.55
C LYS A 81 22.35 15.12 12.33
N ASP A 82 21.33 14.72 13.09
CA ASP A 82 21.25 13.47 13.84
C ASP A 82 20.22 12.66 13.07
N PRO A 83 20.63 11.51 12.50
CA PRO A 83 19.69 10.73 11.68
C PRO A 83 18.48 10.23 12.43
N LYS A 84 18.61 9.91 13.73
CA LYS A 84 17.49 9.42 14.53
C LYS A 84 16.50 10.53 14.96
N LYS A 85 16.81 11.80 14.67
CA LYS A 85 15.95 12.92 15.04
C LYS A 85 15.49 13.73 13.84
N THR A 86 14.31 14.31 13.94
CA THR A 86 13.76 15.14 12.88
C THR A 86 13.04 16.33 13.45
N GLY A 87 12.86 17.36 12.65
CA GLY A 87 12.14 18.54 13.10
C GLY A 87 12.19 19.71 12.16
N GLY A 88 11.74 20.82 12.66
CA GLY A 88 11.68 22.05 11.89
C GLY A 88 11.04 23.17 12.67
N PRO A 89 10.61 24.21 11.95
CA PRO A 89 10.03 25.36 12.62
C PRO A 89 8.54 25.26 12.99
N ILE A 90 8.27 25.51 14.27
CA ILE A 90 6.97 25.65 14.87
C ILE A 90 6.87 27.15 15.28
N TYR A 91 5.77 27.81 14.90
CA TYR A 91 5.53 29.23 15.14
C TYR A 91 4.47 29.45 16.21
N ARG A 92 4.81 30.29 17.17
CA ARG A 92 3.94 30.59 18.30
C ARG A 92 3.69 32.06 18.41
N ARG A 93 2.48 32.43 18.86
CA ARG A 93 2.13 33.82 19.07
C ARG A 93 2.35 34.26 20.52
N VAL A 94 3.55 34.75 20.84
CA VAL A 94 3.89 35.21 22.19
C VAL A 94 3.82 36.74 22.23
N ASN A 95 2.93 37.29 23.08
CA ASN A 95 2.74 38.73 23.29
C ASN A 95 2.40 39.47 22.00
N GLY A 96 1.41 38.97 21.25
CA GLY A 96 1.00 39.57 19.98
C GLY A 96 2.03 39.51 18.85
N LYS A 97 3.06 38.68 19.02
CA LYS A 97 4.10 38.55 18.02
C LYS A 97 4.36 37.10 17.66
N TRP A 98 4.74 36.84 16.40
CA TRP A 98 5.06 35.50 15.95
C TRP A 98 6.55 35.21 16.16
N MET A 99 6.84 34.11 16.88
CA MET A 99 8.18 33.61 17.18
C MET A 99 8.36 32.28 16.48
N ARG A 100 9.56 32.00 15.99
CA ARG A 100 9.86 30.75 15.33
C ARG A 100 10.82 29.97 16.19
N GLU A 101 10.52 28.70 16.41
CA GLU A 101 11.39 27.84 17.20
C GLU A 101 11.72 26.59 16.42
N LEU A 102 12.92 26.05 16.59
CA LEU A 102 13.31 24.84 15.87
C LEU A 102 13.18 23.68 16.80
N ILE A 103 12.21 22.81 16.55
CA ILE A 103 12.00 21.65 17.39
C ILE A 103 12.70 20.43 16.83
N LEU A 104 13.03 19.49 17.70
CA LEU A 104 13.68 18.25 17.31
C LEU A 104 12.98 17.11 18.05
N TYR A 105 12.29 16.24 17.31
CA TYR A 105 11.53 15.11 17.82
C TYR A 105 12.19 13.81 17.36
N ASP A 106 12.16 12.76 18.20
CA ASP A 106 12.73 11.46 17.81
C ASP A 106 11.90 10.87 16.69
N LYS A 107 12.56 10.40 15.61
CA LYS A 107 11.85 9.80 14.48
C LYS A 107 11.02 8.59 14.91
N GLU A 108 11.58 7.76 15.83
CA GLU A 108 10.93 6.58 16.38
C GLU A 108 9.62 6.99 17.09
N GLU A 109 9.67 8.10 17.84
CA GLU A 109 8.53 8.61 18.58
C GLU A 109 7.46 9.14 17.66
N ILE A 110 7.84 9.79 16.56
CA ILE A 110 6.90 10.31 15.56
C ILE A 110 6.20 9.12 14.90
N ARG A 111 6.97 8.08 14.53
CA ARG A 111 6.43 6.87 13.91
C ARG A 111 5.42 6.19 14.85
N ARG A 112 5.68 6.17 16.15
CA ARG A 112 4.80 5.58 17.15
C ARG A 112 3.45 6.32 17.23
N ILE A 113 3.48 7.66 17.16
CA ILE A 113 2.30 8.51 17.20
C ILE A 113 1.51 8.35 15.92
N TRP A 114 2.20 8.22 14.77
CA TRP A 114 1.56 8.02 13.49
C TRP A 114 0.82 6.68 13.50
N ARG A 115 1.50 5.64 13.94
CA ARG A 115 0.90 4.32 14.00
C ARG A 115 -0.24 4.27 15.02
N GLN A 116 -0.10 4.94 16.18
CA GLN A 116 -1.15 5.01 17.21
C GLN A 116 -2.39 5.70 16.64
N ALA A 117 -2.19 6.76 15.83
CA ALA A 117 -3.26 7.50 15.15
C ALA A 117 -4.02 6.65 14.13
N ASN A 118 -3.34 5.69 13.52
CA ASN A 118 -3.86 4.81 12.50
C ASN A 118 -4.19 3.40 13.01
N ASN A 119 -4.48 3.29 14.30
CA ASN A 119 -4.81 2.05 14.99
C ASN A 119 -3.86 0.89 14.66
N GLY A 120 -2.55 1.11 14.80
CA GLY A 120 -1.51 0.12 14.57
C GLY A 120 -0.97 -0.03 13.15
N ASP A 121 -1.71 0.49 12.17
CA ASP A 121 -1.33 0.36 10.77
C ASP A 121 -0.25 1.36 10.39
N ASP A 122 0.61 0.96 9.45
CA ASP A 122 1.69 1.77 8.89
C ASP A 122 1.11 2.93 8.11
N ALA A 123 -0.03 2.68 7.41
CA ALA A 123 -0.80 3.63 6.63
C ALA A 123 0.09 4.51 5.75
N THR A 124 0.82 3.89 4.85
CA THR A 124 1.67 4.62 3.92
C THR A 124 0.82 5.39 2.89
N ALA A 125 -0.50 5.12 2.77
CA ALA A 125 -1.35 5.89 1.88
C ALA A 125 -1.60 7.30 2.47
N GLY A 126 -1.61 7.41 3.81
CA GLY A 126 -1.70 8.68 4.50
C GLY A 126 -0.47 9.55 4.24
N LEU A 127 0.72 8.89 4.15
CA LEU A 127 2.00 9.57 3.91
C LEU A 127 2.10 10.09 2.47
N THR A 128 1.77 9.25 1.48
CA THR A 128 1.74 9.68 0.09
C THR A 128 0.69 10.75 -0.13
N HIS A 129 -0.42 10.71 0.63
CA HIS A 129 -1.44 11.75 0.55
C HIS A 129 -0.88 13.14 0.95
N MET A 130 -0.08 13.23 2.04
CA MET A 130 0.59 14.45 2.50
C MET A 130 1.72 14.91 1.57
N MET A 131 2.42 13.93 0.98
CA MET A 131 3.51 14.15 0.02
C MET A 131 2.92 14.76 -1.24
N ILE A 132 1.76 14.26 -1.71
CA ILE A 132 1.06 14.81 -2.87
C ILE A 132 0.59 16.24 -2.57
N TRP A 133 0.07 16.52 -1.35
CA TRP A 133 -0.31 17.88 -0.95
C TRP A 133 0.91 18.82 -1.10
N HIS A 134 2.09 18.39 -0.62
CA HIS A 134 3.31 19.20 -0.73
C HIS A 134 3.67 19.45 -2.19
N SER A 135 3.57 18.44 -3.02
CA SER A 135 3.83 18.53 -4.44
C SER A 135 2.91 19.53 -5.12
N ASN A 136 1.61 19.52 -4.78
CA ASN A 136 0.60 20.44 -5.31
C ASN A 136 0.88 21.88 -4.87
N LEU A 137 1.31 22.06 -3.61
CA LEU A 137 1.64 23.36 -3.10
C LEU A 137 2.88 23.90 -3.83
N ASN A 138 3.85 23.03 -4.15
CA ASN A 138 5.04 23.42 -4.90
C ASN A 138 4.71 23.72 -6.34
N ASP A 139 3.80 22.98 -6.93
CA ASP A 139 3.33 23.23 -8.29
C ASP A 139 2.63 24.59 -8.41
N ALA A 140 2.04 25.11 -7.34
CA ALA A 140 1.39 26.42 -7.36
C ALA A 140 2.33 27.56 -6.94
N THR A 141 3.45 27.23 -6.29
CA THR A 141 4.36 28.21 -5.74
C THR A 141 5.53 28.55 -6.63
N TYR A 142 6.38 27.55 -6.97
CA TYR A 142 7.63 27.76 -7.67
C TYR A 142 7.60 27.36 -9.12
N GLN A 143 8.31 28.17 -9.90
CA GLN A 143 8.52 28.05 -11.33
C GLN A 143 9.52 26.89 -11.61
N ARG A 144 9.42 26.27 -12.79
CA ARG A 144 10.30 25.17 -13.19
C ARG A 144 10.90 25.39 -14.61
N THR A 145 10.91 26.65 -15.05
CA THR A 145 11.36 27.06 -16.36
C THR A 145 12.88 26.85 -16.52
N ARG A 146 13.72 27.36 -15.60
CA ARG A 146 15.17 27.17 -15.64
C ARG A 146 15.56 25.69 -15.56
N ALA A 147 14.71 24.86 -14.90
CA ALA A 147 14.95 23.42 -14.82
C ALA A 147 14.74 22.82 -16.19
N LEU A 148 13.69 23.22 -16.90
CA LEU A 148 13.41 22.73 -18.25
C LEU A 148 14.54 23.13 -19.18
N VAL A 149 14.98 24.41 -19.13
CA VAL A 149 16.09 24.89 -19.95
C VAL A 149 17.35 24.06 -19.71
N ARG A 150 17.68 23.74 -18.45
CA ARG A 150 18.86 22.94 -18.11
C ARG A 150 18.81 21.52 -18.69
N THR A 151 17.61 20.97 -18.91
CA THR A 151 17.52 19.64 -19.54
C THR A 151 17.48 19.69 -21.10
N GLY A 152 17.54 20.89 -21.67
CA GLY A 152 17.44 21.13 -23.11
C GLY A 152 15.99 21.18 -23.59
N MET A 153 15.06 21.49 -22.67
CA MET A 153 13.65 21.52 -23.00
C MET A 153 13.07 22.91 -23.10
N ASP A 154 12.03 23.05 -23.92
CA ASP A 154 11.31 24.29 -24.16
C ASP A 154 10.65 24.70 -22.82
N PRO A 155 11.04 25.87 -22.27
CA PRO A 155 10.44 26.31 -20.99
C PRO A 155 8.93 26.49 -21.02
N ARG A 156 8.34 26.64 -22.21
CA ARG A 156 6.89 26.71 -22.38
C ARG A 156 6.17 25.35 -22.10
N MET A 157 6.92 24.30 -21.74
CA MET A 157 6.35 23.02 -21.31
C MET A 157 5.93 23.10 -19.83
N CYS A 158 6.01 24.31 -19.19
CA CYS A 158 5.65 24.59 -17.81
C CYS A 158 4.27 24.09 -17.42
N SER A 159 3.32 24.00 -18.35
CA SER A 159 1.93 23.51 -18.12
C SER A 159 1.78 22.00 -18.03
N LEU A 160 2.84 21.26 -18.27
CA LEU A 160 2.83 19.79 -18.19
C LEU A 160 3.74 19.33 -17.06
N MET A 161 3.98 20.20 -16.05
CA MET A 161 4.91 19.91 -14.99
C MET A 161 4.25 19.52 -13.70
N GLN A 162 3.14 18.77 -13.80
CA GLN A 162 2.43 18.21 -12.64
C GLN A 162 3.41 17.34 -11.83
N GLY A 163 3.36 17.43 -10.50
CA GLY A 163 4.26 16.67 -9.62
C GLY A 163 5.74 16.65 -10.00
N SER A 164 6.28 17.80 -10.46
CA SER A 164 7.70 17.84 -10.84
C SER A 164 8.66 18.03 -9.66
N THR A 165 8.16 18.49 -8.51
CA THR A 165 8.96 18.59 -7.29
C THR A 165 8.86 17.32 -6.42
N LEU A 166 8.20 16.24 -6.92
CA LEU A 166 8.07 14.99 -6.18
C LEU A 166 9.46 14.40 -5.89
N PRO A 167 9.63 13.75 -4.73
CA PRO A 167 10.94 13.15 -4.42
C PRO A 167 11.26 12.00 -5.39
N ARG A 168 12.54 11.85 -5.74
CA ARG A 168 13.05 10.88 -6.74
C ARG A 168 12.55 9.42 -6.57
N ARG A 169 12.42 8.92 -5.33
CA ARG A 169 11.96 7.57 -5.09
C ARG A 169 10.45 7.49 -4.81
N SER A 170 9.66 8.49 -5.28
CA SER A 170 8.20 8.48 -5.09
C SER A 170 7.68 7.40 -6.04
N GLY A 171 7.07 6.38 -5.49
CA GLY A 171 6.65 5.22 -6.27
C GLY A 171 5.49 5.43 -7.22
N ALA A 172 4.56 4.48 -7.18
CA ALA A 172 3.36 4.45 -8.00
C ALA A 172 2.39 5.57 -7.62
N ALA A 173 2.36 5.95 -6.33
CA ALA A 173 1.50 7.01 -5.86
C ALA A 173 1.90 8.40 -6.41
N GLY A 174 3.19 8.58 -6.71
CA GLY A 174 3.69 9.82 -7.28
C GLY A 174 3.53 9.85 -8.78
N ALA A 175 3.71 8.71 -9.41
CA ALA A 175 3.63 8.56 -10.85
C ALA A 175 2.29 9.04 -11.41
N ALA A 176 1.18 8.72 -10.75
CA ALA A 176 -0.15 9.06 -11.24
C ALA A 176 -0.35 10.54 -11.38
N VAL A 177 0.15 11.33 -10.41
CA VAL A 177 -0.03 12.76 -10.45
C VAL A 177 1.02 13.50 -11.30
N LYS A 178 2.07 12.81 -11.79
CA LYS A 178 3.10 13.49 -12.60
C LYS A 178 2.60 13.78 -14.01
N GLY A 179 3.06 14.89 -14.58
CA GLY A 179 2.64 15.30 -15.91
C GLY A 179 3.44 14.65 -17.01
N VAL A 180 3.05 14.91 -18.26
CA VAL A 180 3.77 14.42 -19.43
C VAL A 180 5.19 15.03 -19.45
N GLY A 181 5.26 16.32 -19.20
CA GLY A 181 6.54 17.03 -19.17
C GLY A 181 7.45 16.58 -18.04
N THR A 182 6.86 16.18 -16.90
CA THR A 182 7.61 15.69 -15.75
C THR A 182 8.30 14.37 -16.11
N MET A 183 7.55 13.45 -16.74
CA MET A 183 8.09 12.17 -17.15
C MET A 183 9.14 12.36 -18.23
N VAL A 184 8.88 13.25 -19.20
CA VAL A 184 9.81 13.57 -20.26
C VAL A 184 11.07 14.15 -19.67
N MET A 185 10.97 15.12 -18.76
CA MET A 185 12.15 15.71 -18.12
C MET A 185 12.97 14.69 -17.37
N GLU A 186 12.32 13.74 -16.67
CA GLU A 186 13.02 12.68 -15.93
C GLU A 186 13.75 11.70 -16.87
N LEU A 187 13.06 11.23 -17.92
CA LEU A 187 13.64 10.28 -18.88
C LEU A 187 14.76 10.93 -19.68
N VAL A 188 14.60 12.21 -20.04
CA VAL A 188 15.57 13.00 -20.81
C VAL A 188 16.85 13.22 -20.01
N ARG A 189 16.73 13.37 -18.69
CA ARG A 189 17.91 13.52 -17.81
C ARG A 189 18.74 12.23 -17.76
N MET A 190 18.08 11.07 -17.88
CA MET A 190 18.75 9.79 -17.91
C MET A 190 19.45 9.63 -19.25
N ILE A 191 18.74 9.95 -20.36
CA ILE A 191 19.32 9.86 -21.70
C ILE A 191 20.53 10.78 -21.85
N LYS A 192 20.50 11.96 -21.23
CA LYS A 192 21.62 12.90 -21.27
C LYS A 192 22.83 12.34 -20.53
N ARG A 193 22.60 11.60 -19.42
CA ARG A 193 23.68 10.96 -18.68
C ARG A 193 24.28 9.79 -19.45
N GLY A 194 23.45 9.09 -20.21
CA GLY A 194 23.89 7.98 -21.05
C GLY A 194 24.64 8.45 -22.27
N ILE A 195 24.30 9.63 -22.81
CA ILE A 195 24.96 10.16 -23.99
C ILE A 195 26.37 10.62 -23.65
N ASN A 196 26.50 11.36 -22.56
CA ASN A 196 27.76 11.90 -22.05
C ASN A 196 28.66 10.85 -21.44
N ASP A 197 28.06 9.76 -20.89
CA ASP A 197 28.77 8.68 -20.21
C ASP A 197 28.11 7.32 -20.50
N ARG A 198 28.77 6.47 -21.29
CA ARG A 198 28.24 5.15 -21.63
C ARG A 198 28.14 4.24 -20.40
N ASN A 199 29.06 4.42 -19.41
CA ASN A 199 29.08 3.65 -18.15
C ASN A 199 27.83 3.83 -17.29
N PHE A 200 26.95 4.78 -17.65
CA PHE A 200 25.69 5.00 -16.95
C PHE A 200 24.72 3.80 -17.22
N TRP A 201 24.82 3.18 -18.41
CA TRP A 201 23.98 2.03 -18.72
C TRP A 201 24.70 0.68 -18.53
N ARG A 202 25.88 0.66 -17.86
CA ARG A 202 26.69 -0.54 -17.62
C ARG A 202 26.83 -0.87 -16.13
N GLY A 203 27.21 -2.12 -15.86
CA GLY A 203 27.44 -2.60 -14.50
C GLY A 203 26.19 -2.88 -13.71
N GLU A 204 26.30 -2.76 -12.38
CA GLU A 204 25.16 -2.99 -11.50
C GLU A 204 24.24 -1.77 -11.50
N ASN A 205 24.84 -0.57 -11.47
CA ASN A 205 24.10 0.68 -11.52
C ASN A 205 23.29 0.77 -12.82
N GLY A 206 23.89 0.33 -13.93
CA GLY A 206 23.26 0.30 -15.24
C GLY A 206 22.06 -0.63 -15.36
N ARG A 207 22.10 -1.74 -14.61
CA ARG A 207 21.00 -2.73 -14.59
C ARG A 207 19.77 -2.15 -13.93
N LYS A 208 19.97 -1.43 -12.81
CA LYS A 208 18.90 -0.79 -12.06
C LYS A 208 18.41 0.44 -12.83
N THR A 209 19.31 1.19 -13.50
CA THR A 209 18.88 2.34 -14.29
C THR A 209 18.08 1.88 -15.49
N ARG A 210 18.39 0.75 -16.09
CA ARG A 210 17.63 0.23 -17.21
C ARG A 210 16.20 -0.10 -16.79
N ILE A 211 16.04 -0.74 -15.62
CA ILE A 211 14.72 -1.07 -15.09
C ILE A 211 13.96 0.20 -14.69
N ALA A 212 14.66 1.22 -14.20
CA ALA A 212 14.05 2.51 -13.83
C ALA A 212 13.54 3.23 -15.09
N TYR A 213 14.34 3.19 -16.16
CA TYR A 213 14.06 3.77 -17.47
C TYR A 213 12.79 3.12 -18.08
N GLU A 214 12.74 1.77 -18.13
CA GLU A 214 11.62 1.01 -18.66
C GLU A 214 10.36 1.27 -17.87
N ARG A 215 10.47 1.41 -16.54
CA ARG A 215 9.33 1.72 -15.66
C ARG A 215 8.77 3.09 -16.01
N MET A 216 9.65 4.15 -16.09
CA MET A 216 9.23 5.52 -16.43
C MET A 216 8.61 5.58 -17.83
N CYS A 217 9.14 4.80 -18.76
CA CYS A 217 8.63 4.75 -20.11
C CYS A 217 7.18 4.22 -20.12
N ASN A 218 6.91 3.17 -19.36
CA ASN A 218 5.56 2.58 -19.30
C ASN A 218 4.56 3.43 -18.53
N ILE A 219 5.06 4.25 -17.59
CA ILE A 219 4.26 5.18 -16.82
C ILE A 219 3.88 6.34 -17.73
N LEU A 220 4.85 6.88 -18.51
CA LEU A 220 4.57 7.98 -19.44
C LEU A 220 3.65 7.49 -20.55
N LYS A 221 3.91 6.28 -21.10
CA LYS A 221 3.12 5.63 -22.15
C LYS A 221 1.66 5.46 -21.71
N GLY A 222 1.46 5.09 -20.45
CA GLY A 222 0.13 4.92 -19.88
C GLY A 222 -0.66 6.22 -19.84
N LYS A 223 0.06 7.36 -19.74
CA LYS A 223 -0.50 8.71 -19.72
C LYS A 223 -0.97 9.18 -21.08
N PHE A 224 -0.47 8.60 -22.16
CA PHE A 224 -0.90 8.98 -23.50
C PHE A 224 -2.26 8.34 -23.81
N GLN A 225 -3.10 9.03 -24.59
CA GLN A 225 -4.45 8.54 -24.87
C GLN A 225 -4.73 8.21 -26.33
N THR A 226 -3.71 8.23 -27.20
CA THR A 226 -3.88 7.89 -28.61
C THR A 226 -3.06 6.63 -28.94
N ALA A 227 -3.34 5.98 -30.07
CA ALA A 227 -2.60 4.78 -30.44
C ALA A 227 -1.16 5.14 -30.84
N ALA A 228 -0.98 6.19 -31.65
CA ALA A 228 0.33 6.62 -32.14
C ALA A 228 1.29 7.12 -31.07
N GLN A 229 0.80 7.84 -30.05
CA GLN A 229 1.68 8.31 -28.98
C GLN A 229 2.19 7.16 -28.14
N LYS A 230 1.32 6.17 -27.82
CA LYS A 230 1.68 4.99 -27.05
C LYS A 230 2.68 4.15 -27.86
N ALA A 231 2.43 4.01 -29.19
CA ALA A 231 3.33 3.26 -30.10
C ALA A 231 4.70 3.92 -30.19
N MET A 232 4.76 5.26 -30.10
CA MET A 232 6.03 6.00 -30.08
C MET A 232 6.77 5.72 -28.75
N MET A 233 6.04 5.58 -27.65
CA MET A 233 6.66 5.27 -26.35
C MET A 233 7.25 3.86 -26.33
N ASP A 234 6.69 2.92 -27.12
CA ASP A 234 7.20 1.55 -27.24
C ASP A 234 8.58 1.61 -27.91
N GLN A 235 8.72 2.45 -28.96
CA GLN A 235 9.95 2.62 -29.71
C GLN A 235 11.08 3.17 -28.82
N VAL A 236 10.75 4.14 -27.95
CA VAL A 236 11.64 4.79 -26.98
C VAL A 236 12.09 3.77 -25.93
N ARG A 237 11.17 2.96 -25.46
CA ARG A 237 11.43 1.99 -24.42
C ARG A 237 12.30 0.83 -24.87
N GLU A 238 12.04 0.29 -26.08
CA GLU A 238 12.83 -0.84 -26.60
C GLU A 238 14.24 -0.49 -27.04
N SER A 239 14.56 0.81 -27.16
CA SER A 239 15.85 1.31 -27.59
C SER A 239 16.94 0.90 -26.60
N ARG A 240 17.81 -0.02 -27.01
CA ARG A 240 18.86 -0.56 -26.16
C ARG A 240 19.84 0.48 -25.67
N ASN A 241 20.23 1.45 -26.52
CA ASN A 241 21.15 2.48 -26.09
C ASN A 241 20.57 3.85 -26.41
N PRO A 242 19.78 4.44 -25.48
CA PRO A 242 19.15 5.75 -25.74
C PRO A 242 20.10 6.92 -26.00
N GLY A 243 19.81 7.64 -27.06
CA GLY A 243 20.56 8.81 -27.49
C GLY A 243 19.68 9.91 -28.04
N ASN A 244 20.22 10.72 -28.96
CA ASN A 244 19.53 11.86 -29.55
C ASN A 244 18.14 11.54 -30.07
N ALA A 245 18.00 10.40 -30.77
CA ALA A 245 16.73 9.95 -31.35
C ALA A 245 15.65 9.70 -30.29
N GLU A 246 16.06 9.38 -29.05
CA GLU A 246 15.08 9.16 -27.97
C GLU A 246 14.69 10.49 -27.33
N PHE A 247 15.64 11.43 -27.22
CA PHE A 247 15.41 12.77 -26.69
C PHE A 247 14.43 13.51 -27.60
N GLU A 248 14.64 13.40 -28.91
CA GLU A 248 13.83 14.05 -29.94
C GLU A 248 12.41 13.53 -29.93
N ASP A 249 12.23 12.21 -29.82
CA ASP A 249 10.88 11.63 -29.79
C ASP A 249 10.16 12.06 -28.52
N LEU A 250 10.85 12.01 -27.38
CA LEU A 250 10.27 12.44 -26.11
C LEU A 250 9.84 13.91 -26.12
N THR A 251 10.68 14.81 -26.63
CA THR A 251 10.31 16.22 -26.73
C THR A 251 9.18 16.43 -27.76
N PHE A 252 9.16 15.62 -28.83
CA PHE A 252 8.10 15.63 -29.84
C PHE A 252 6.75 15.28 -29.16
N LEU A 253 6.72 14.22 -28.34
CA LEU A 253 5.54 13.78 -27.61
C LEU A 253 5.12 14.75 -26.54
N ALA A 254 6.06 15.47 -25.95
CA ALA A 254 5.77 16.51 -24.98
C ALA A 254 5.06 17.66 -25.69
N ARG A 255 5.55 18.08 -26.89
CA ARG A 255 4.90 19.13 -27.69
C ARG A 255 3.49 18.68 -28.08
N SER A 256 3.33 17.41 -28.45
CA SER A 256 2.04 16.85 -28.83
C SER A 256 1.04 16.83 -27.67
N ALA A 257 1.53 16.66 -26.42
CA ALA A 257 0.70 16.65 -25.24
C ALA A 257 0.11 18.04 -24.87
N LEU A 258 0.51 19.11 -25.58
CA LEU A 258 -0.06 20.45 -25.41
C LEU A 258 -1.42 20.57 -26.12
N ILE A 259 -1.66 19.76 -27.18
CA ILE A 259 -2.90 19.74 -27.95
C ILE A 259 -3.68 18.45 -27.65
N LEU A 260 -2.97 17.32 -27.69
CA LEU A 260 -3.56 16.02 -27.43
C LEU A 260 -3.28 15.67 -25.98
N ARG A 261 -4.12 16.21 -25.10
CA ARG A 261 -3.99 16.06 -23.67
C ARG A 261 -3.93 14.59 -23.19
N GLY A 262 -3.02 14.36 -22.24
CA GLY A 262 -2.85 13.06 -21.63
C GLY A 262 -3.70 12.85 -20.39
N SER A 263 -3.51 11.73 -19.73
CA SER A 263 -4.22 11.32 -18.53
C SER A 263 -3.32 11.55 -17.34
N VAL A 264 -3.43 12.74 -16.74
CA VAL A 264 -2.64 13.07 -15.57
C VAL A 264 -3.60 13.14 -14.39
N ALA A 265 -3.42 12.30 -13.37
CA ALA A 265 -4.34 12.32 -12.23
C ALA A 265 -4.10 13.56 -11.38
N HIS A 266 -5.17 14.32 -11.11
CA HIS A 266 -5.08 15.52 -10.29
C HIS A 266 -5.75 15.18 -8.93
N LYS A 267 -4.96 15.08 -7.85
CA LYS A 267 -5.51 14.73 -6.54
C LYS A 267 -5.62 15.90 -5.60
N SER A 268 -6.86 16.23 -5.17
CA SER A 268 -7.06 17.29 -4.19
C SER A 268 -6.74 16.78 -2.79
N CYS A 269 -5.52 17.08 -2.32
CA CYS A 269 -5.01 16.65 -1.02
C CYS A 269 -4.90 17.86 -0.14
N LEU A 270 -5.58 17.84 0.99
CA LEU A 270 -5.64 19.01 1.87
C LEU A 270 -4.58 18.97 2.97
N PRO A 271 -4.26 20.11 3.60
CA PRO A 271 -3.30 20.07 4.72
C PRO A 271 -3.87 19.35 5.95
N ALA A 272 -2.98 18.85 6.81
CA ALA A 272 -3.35 18.15 8.05
C ALA A 272 -4.10 19.04 9.01
N CYS A 273 -3.95 20.36 8.92
CA CYS A 273 -4.71 21.30 9.76
C CYS A 273 -6.14 21.55 9.24
N VAL A 274 -6.58 20.74 8.24
CA VAL A 274 -7.93 20.70 7.74
C VAL A 274 -8.54 19.37 8.24
N TYR A 275 -7.82 18.24 8.08
CA TYR A 275 -8.29 16.93 8.55
C TYR A 275 -8.34 16.83 10.10
N GLY A 276 -7.36 17.45 10.78
CA GLY A 276 -7.27 17.49 12.26
C GLY A 276 -8.51 18.06 12.92
N PRO A 277 -8.90 19.30 12.57
CA PRO A 277 -10.11 19.88 13.17
C PRO A 277 -11.44 19.17 12.86
N ALA A 278 -11.57 18.57 11.67
CA ALA A 278 -12.78 17.84 11.31
C ALA A 278 -12.87 16.55 12.13
N VAL A 279 -11.74 15.86 12.32
CA VAL A 279 -11.71 14.66 13.15
C VAL A 279 -11.99 15.06 14.60
N ALA A 280 -11.39 16.16 15.07
CA ALA A 280 -11.53 16.68 16.43
C ALA A 280 -13.00 16.88 16.78
N SER A 281 -13.77 17.47 15.84
CA SER A 281 -15.21 17.70 15.96
C SER A 281 -16.08 16.46 15.76
N GLY A 282 -15.49 15.29 15.70
CA GLY A 282 -16.22 14.04 15.62
C GLY A 282 -16.63 13.53 14.27
N TYR A 283 -16.10 14.12 13.16
CA TYR A 283 -16.45 13.62 11.83
C TYR A 283 -15.83 12.25 11.64
N ASP A 284 -16.65 11.22 11.39
CA ASP A 284 -16.16 9.87 11.21
C ASP A 284 -15.92 9.66 9.71
N PHE A 285 -14.71 9.89 9.25
CA PHE A 285 -14.36 9.76 7.84
C PHE A 285 -14.45 8.32 7.33
N GLU A 286 -14.12 7.35 8.19
CA GLU A 286 -14.21 5.95 7.79
C GLU A 286 -15.66 5.55 7.58
N ARG A 287 -16.56 5.96 8.47
CA ARG A 287 -17.99 5.60 8.39
C ARG A 287 -18.75 6.38 7.33
N GLU A 288 -18.49 7.67 7.21
CA GLU A 288 -19.16 8.51 6.21
C GLU A 288 -18.62 8.26 4.79
N GLY A 289 -17.35 7.85 4.68
CA GLY A 289 -16.69 7.68 3.41
C GLY A 289 -16.12 9.00 2.94
N TYR A 290 -15.12 8.95 2.06
CA TYR A 290 -14.50 10.14 1.54
C TYR A 290 -14.01 9.89 0.11
N SER A 291 -14.21 10.88 -0.75
CA SER A 291 -13.75 10.80 -2.12
C SER A 291 -13.03 12.10 -2.49
N LEU A 292 -11.81 11.96 -3.00
CA LEU A 292 -11.03 13.10 -3.47
C LEU A 292 -11.72 13.75 -4.69
N VAL A 293 -12.55 12.99 -5.43
CA VAL A 293 -13.28 13.46 -6.61
C VAL A 293 -14.67 13.91 -6.22
N GLY A 294 -14.97 15.17 -6.46
CA GLY A 294 -16.30 15.70 -6.19
C GLY A 294 -16.43 16.68 -5.05
N ILE A 295 -17.58 16.62 -4.37
CA ILE A 295 -17.91 17.57 -3.32
C ILE A 295 -17.07 17.48 -2.03
N ASP A 296 -16.66 16.27 -1.57
CA ASP A 296 -15.98 16.11 -0.29
C ASP A 296 -14.84 17.15 -0.01
N PRO A 297 -13.82 17.36 -0.86
CA PRO A 297 -12.81 18.41 -0.55
C PRO A 297 -13.38 19.85 -0.51
N PHE A 298 -14.36 20.16 -1.37
CA PHE A 298 -14.97 21.49 -1.38
C PHE A 298 -15.80 21.70 -0.10
N ARG A 299 -16.63 20.70 0.26
CA ARG A 299 -17.47 20.72 1.44
C ARG A 299 -16.62 20.83 2.69
N LEU A 300 -15.50 20.10 2.74
CA LEU A 300 -14.59 20.14 3.87
C LEU A 300 -13.94 21.53 3.99
N LEU A 301 -13.55 22.15 2.87
CA LEU A 301 -12.95 23.49 2.92
C LEU A 301 -13.96 24.58 3.31
N GLN A 302 -15.26 24.35 3.06
CA GLN A 302 -16.31 25.29 3.49
C GLN A 302 -16.41 25.28 5.01
N ASN A 303 -16.27 24.09 5.61
CA ASN A 303 -16.35 23.87 7.05
C ASN A 303 -14.99 23.99 7.75
N SER A 304 -14.01 24.68 7.13
CA SER A 304 -12.67 24.75 7.71
C SER A 304 -12.21 26.16 7.96
N GLN A 305 -11.17 26.31 8.76
CA GLN A 305 -10.58 27.60 9.03
C GLN A 305 -9.07 27.43 9.17
N VAL A 306 -8.35 27.96 8.19
CA VAL A 306 -6.90 27.87 8.17
C VAL A 306 -6.30 29.26 8.13
N TYR A 307 -5.18 29.43 8.82
CA TYR A 307 -4.46 30.68 8.90
C TYR A 307 -3.09 30.54 8.22
N SER A 308 -2.52 31.69 7.84
CA SER A 308 -1.20 31.70 7.27
C SER A 308 -0.41 32.86 7.77
N LEU A 309 0.88 32.65 8.01
CA LEU A 309 1.80 33.72 8.31
C LEU A 309 2.03 34.44 6.97
N ILE A 310 2.05 35.76 6.99
CA ILE A 310 2.22 36.55 5.78
C ILE A 310 3.36 37.56 5.93
N ARG A 311 4.03 37.91 4.80
CA ARG A 311 5.11 38.89 4.74
C ARG A 311 4.52 40.31 4.62
N PRO A 312 5.29 41.36 5.00
CA PRO A 312 4.73 42.72 4.99
C PRO A 312 4.18 43.24 3.66
N ASN A 313 4.74 42.84 2.53
CA ASN A 313 4.32 43.33 1.23
C ASN A 313 3.42 42.36 0.46
N GLU A 314 2.85 41.35 1.13
CA GLU A 314 2.03 40.37 0.45
C GLU A 314 0.53 40.67 0.55
N ASN A 315 -0.21 40.40 -0.54
CA ASN A 315 -1.66 40.57 -0.54
C ASN A 315 -2.28 39.26 0.05
N PRO A 316 -3.10 39.34 1.12
CA PRO A 316 -3.67 38.12 1.71
C PRO A 316 -4.67 37.40 0.82
N ALA A 317 -5.34 38.13 -0.10
CA ALA A 317 -6.23 37.53 -1.09
C ALA A 317 -5.41 36.67 -2.10
N HIS A 318 -4.16 37.09 -2.34
CA HIS A 318 -3.24 36.43 -3.24
C HIS A 318 -2.58 35.24 -2.54
N LYS A 319 -2.25 35.38 -1.25
CA LYS A 319 -1.76 34.24 -0.46
C LYS A 319 -2.86 33.16 -0.39
N SER A 320 -4.12 33.58 -0.24
CA SER A 320 -5.28 32.69 -0.18
C SER A 320 -5.51 31.96 -1.50
N GLN A 321 -5.27 32.64 -2.63
CA GLN A 321 -5.48 32.01 -3.95
C GLN A 321 -4.48 30.90 -4.17
N LEU A 322 -3.22 31.15 -3.81
CA LEU A 322 -2.11 30.21 -3.95
C LEU A 322 -2.41 28.93 -3.17
N VAL A 323 -2.92 29.05 -1.94
CA VAL A 323 -3.26 27.92 -1.11
C VAL A 323 -4.51 27.20 -1.61
N TRP A 324 -5.47 27.95 -2.14
CA TRP A 324 -6.69 27.40 -2.71
C TRP A 324 -6.38 26.53 -3.92
N MET A 325 -5.46 26.99 -4.78
CA MET A 325 -5.02 26.27 -5.98
C MET A 325 -4.28 24.99 -5.62
N ALA A 326 -3.46 25.05 -4.58
CA ALA A 326 -2.72 23.92 -4.06
C ALA A 326 -3.67 22.90 -3.45
N CYS A 327 -4.70 23.35 -2.74
CA CYS A 327 -5.69 22.44 -2.14
C CYS A 327 -6.45 21.68 -3.21
N HIS A 328 -6.83 22.39 -4.27
CA HIS A 328 -7.59 21.77 -5.33
C HIS A 328 -6.77 21.22 -6.48
N SER A 329 -5.43 21.09 -6.31
CA SER A 329 -4.53 20.60 -7.38
C SER A 329 -4.83 21.29 -8.74
N ALA A 330 -5.07 22.62 -8.70
CA ALA A 330 -5.55 23.44 -9.80
C ALA A 330 -4.50 24.29 -10.52
N ALA A 331 -3.21 24.19 -10.16
CA ALA A 331 -2.14 24.98 -10.77
C ALA A 331 -2.10 24.86 -12.28
N PHE A 332 -2.50 23.71 -12.82
CA PHE A 332 -2.46 23.41 -14.24
C PHE A 332 -3.81 23.50 -14.95
N GLU A 333 -4.84 24.01 -14.26
CA GLU A 333 -6.17 24.16 -14.86
C GLU A 333 -6.35 25.51 -15.57
N ASP A 334 -7.36 25.62 -16.43
CA ASP A 334 -7.64 26.85 -17.14
C ASP A 334 -8.20 27.83 -16.11
N LEU A 335 -7.56 28.99 -15.96
CA LEU A 335 -7.92 30.03 -15.00
C LEU A 335 -9.36 30.46 -15.15
N ARG A 336 -9.86 30.56 -16.39
CA ARG A 336 -11.25 30.95 -16.63
C ARG A 336 -12.24 29.92 -16.08
N VAL A 337 -11.86 28.64 -16.07
CA VAL A 337 -12.70 27.60 -15.50
C VAL A 337 -12.71 27.76 -13.97
N LEU A 338 -11.52 27.92 -13.36
CA LEU A 338 -11.36 28.08 -11.91
C LEU A 338 -12.06 29.31 -11.40
N SER A 339 -12.12 30.38 -12.21
CA SER A 339 -12.77 31.61 -11.80
C SER A 339 -14.28 31.42 -11.73
N PHE A 340 -14.86 30.65 -12.68
CA PHE A 340 -16.31 30.41 -12.63
C PHE A 340 -16.67 29.55 -11.43
N ILE A 341 -15.83 28.58 -11.07
CA ILE A 341 -16.04 27.70 -9.93
C ILE A 341 -15.82 28.43 -8.60
N LYS A 342 -14.72 29.18 -8.45
CA LYS A 342 -14.43 29.88 -7.21
C LYS A 342 -15.39 31.04 -6.95
N GLY A 343 -15.82 31.71 -8.00
CA GLY A 343 -16.73 32.84 -7.85
C GLY A 343 -16.04 34.20 -7.80
N THR A 344 -14.70 34.19 -7.77
CA THR A 344 -13.81 35.36 -7.85
C THR A 344 -12.85 35.10 -9.03
N LYS A 345 -12.19 36.15 -9.52
CA LYS A 345 -11.26 36.00 -10.64
C LYS A 345 -9.95 35.39 -10.15
N VAL A 346 -9.56 34.24 -10.73
CA VAL A 346 -8.31 33.58 -10.41
C VAL A 346 -7.21 34.07 -11.39
N LEU A 347 -6.23 34.79 -10.84
CA LEU A 347 -5.14 35.45 -11.54
C LEU A 347 -3.94 34.54 -11.84
N PRO A 348 -3.19 34.84 -12.91
CA PRO A 348 -1.97 34.06 -13.19
C PRO A 348 -0.92 34.36 -12.11
N ARG A 349 -0.01 33.42 -11.83
CA ARG A 349 1.01 33.56 -10.79
C ARG A 349 1.86 34.83 -10.85
N GLY A 350 2.02 35.39 -12.04
CA GLY A 350 2.76 36.64 -12.24
C GLY A 350 2.02 37.90 -11.80
N LYS A 351 0.74 37.76 -11.42
CA LYS A 351 -0.05 38.89 -10.95
C LYS A 351 -0.38 38.87 -9.45
N LEU A 352 0.07 37.82 -8.74
CA LEU A 352 -0.08 37.64 -7.31
C LEU A 352 1.10 38.28 -6.62
N SER A 353 0.83 39.02 -5.55
CA SER A 353 1.84 39.70 -4.76
C SER A 353 2.09 38.84 -3.53
N THR A 354 2.63 37.65 -3.74
CA THR A 354 2.92 36.70 -2.66
C THR A 354 4.11 35.83 -3.08
N ARG A 355 4.94 35.40 -2.11
CA ARG A 355 6.18 34.68 -2.41
C ARG A 355 6.31 33.22 -1.93
N GLY A 356 5.31 32.68 -1.24
CA GLY A 356 5.39 31.29 -0.78
C GLY A 356 4.91 31.08 0.65
N VAL A 357 4.30 29.93 0.91
CA VAL A 357 3.80 29.60 2.24
C VAL A 357 4.91 29.38 3.29
N GLN A 358 5.98 28.67 2.92
CA GLN A 358 7.05 28.36 3.84
C GLN A 358 7.92 29.56 4.19
N ILE A 359 8.18 29.68 5.49
CA ILE A 359 9.01 30.74 6.01
C ILE A 359 10.46 30.25 6.06
N ALA A 360 11.36 31.01 5.40
CA ALA A 360 12.77 30.66 5.39
C ALA A 360 13.40 30.96 6.73
N SER A 361 14.45 30.22 7.08
CA SER A 361 15.20 30.37 8.34
C SER A 361 15.83 31.76 8.49
N ASN A 362 16.10 32.47 7.36
CA ASN A 362 16.69 33.80 7.45
C ASN A 362 15.66 34.95 7.47
N GLU A 363 14.35 34.64 7.54
CA GLU A 363 13.32 35.68 7.56
C GLU A 363 13.11 36.31 8.92
N ASN A 364 12.79 37.60 8.93
CA ASN A 364 12.57 38.35 10.17
C ASN A 364 11.14 38.18 10.68
N MET A 365 10.99 37.40 11.76
CA MET A 365 9.70 37.11 12.41
C MET A 365 9.05 38.32 13.05
N GLU A 366 9.82 39.36 13.42
CA GLU A 366 9.29 40.57 14.03
C GLU A 366 8.34 41.34 13.08
N THR A 367 8.54 41.23 11.76
CA THR A 367 7.67 41.89 10.77
C THR A 367 6.48 41.00 10.32
N MET A 368 6.58 39.68 10.58
CA MET A 368 5.59 38.70 10.20
C MET A 368 4.24 38.88 10.90
N GLU A 369 3.18 38.78 10.14
CA GLU A 369 1.82 38.81 10.69
C GLU A 369 1.06 37.53 10.27
N SER A 370 -0.19 37.37 10.66
CA SER A 370 -1.01 36.23 10.29
C SER A 370 -2.30 36.71 9.65
N SER A 371 -2.87 35.90 8.78
CA SER A 371 -4.12 36.21 8.14
C SER A 371 -4.98 34.96 7.94
N THR A 372 -6.27 35.14 7.79
CA THR A 372 -7.19 34.04 7.54
C THR A 372 -7.20 33.78 6.03
N LEU A 373 -7.01 32.51 5.65
CA LEU A 373 -6.99 32.11 4.25
C LEU A 373 -8.40 31.93 3.71
N GLU A 374 -8.71 32.54 2.56
CA GLU A 374 -10.01 32.37 1.93
C GLU A 374 -9.95 31.14 1.06
N LEU A 375 -10.40 29.99 1.58
CA LEU A 375 -10.34 28.74 0.83
C LEU A 375 -11.69 28.22 0.35
N ARG A 376 -12.70 29.07 0.38
CA ARG A 376 -14.05 28.72 -0.05
C ARG A 376 -14.23 28.82 -1.59
N SER A 377 -15.39 28.38 -2.08
CA SER A 377 -15.68 28.36 -3.50
C SER A 377 -17.18 28.50 -3.70
N ARG A 378 -17.58 29.24 -4.75
CA ARG A 378 -18.98 29.46 -5.09
C ARG A 378 -19.64 28.14 -5.48
N TYR A 379 -18.92 27.34 -6.28
CA TYR A 379 -19.39 26.05 -6.76
C TYR A 379 -18.39 24.92 -6.59
N TRP A 380 -18.88 23.69 -6.64
CA TRP A 380 -18.02 22.52 -6.70
C TRP A 380 -18.12 21.94 -8.12
N ALA A 381 -17.20 21.08 -8.48
CA ALA A 381 -17.17 20.47 -9.80
C ALA A 381 -16.46 19.11 -9.75
N ILE A 382 -16.64 18.29 -10.80
CA ILE A 382 -16.03 16.97 -10.83
C ILE A 382 -14.91 16.93 -11.86
N ARG A 383 -13.87 16.15 -11.56
CA ARG A 383 -12.72 15.94 -12.41
C ARG A 383 -13.07 15.11 -13.67
N THR A 384 -12.83 15.69 -14.86
CA THR A 384 -13.08 15.08 -16.16
C THR A 384 -12.24 13.82 -16.43
N PHE A 406 -27.34 15.94 -24.91
CA PHE A 406 -27.74 17.30 -25.27
C PHE A 406 -26.94 18.32 -24.48
N SER A 407 -25.78 18.67 -24.97
CA SER A 407 -24.96 19.69 -24.33
C SER A 407 -24.79 20.94 -25.21
N VAL A 408 -24.32 22.03 -24.62
CA VAL A 408 -24.02 23.24 -25.35
C VAL A 408 -22.49 23.29 -25.53
N GLN A 409 -22.00 23.62 -26.73
CA GLN A 409 -20.56 23.71 -26.94
C GLN A 409 -20.04 24.97 -26.25
N ARG A 410 -19.24 24.77 -25.19
CA ARG A 410 -18.63 25.85 -24.41
C ARG A 410 -17.13 25.69 -24.61
N ASN A 411 -16.58 26.44 -25.56
CA ASN A 411 -15.18 26.41 -25.94
C ASN A 411 -14.32 27.46 -25.24
N LEU A 412 -13.00 27.16 -25.12
CA LEU A 412 -11.99 27.98 -24.51
C LEU A 412 -10.81 27.94 -25.43
N PRO A 413 -10.34 29.08 -25.90
CA PRO A 413 -9.21 29.08 -26.83
C PRO A 413 -7.91 28.57 -26.20
N PHE A 414 -7.06 27.91 -27.00
CA PHE A 414 -5.74 27.48 -26.57
C PHE A 414 -4.92 28.78 -26.41
N ASP A 415 -4.10 28.86 -25.35
CA ASP A 415 -3.28 30.04 -25.15
C ASP A 415 -2.19 30.15 -26.24
N ARG A 416 -1.82 31.39 -26.59
CA ARG A 416 -0.85 31.74 -27.63
C ARG A 416 0.50 31.04 -27.46
N THR A 417 1.00 30.92 -26.24
CA THR A 417 2.28 30.26 -26.01
C THR A 417 2.14 28.72 -26.14
N THR A 418 0.94 28.17 -25.89
CA THR A 418 0.67 26.76 -26.07
C THR A 418 0.74 26.36 -27.56
N ILE A 419 0.20 27.19 -28.48
CA ILE A 419 0.21 26.87 -29.92
C ILE A 419 1.61 26.99 -30.52
N MET A 420 2.40 27.93 -30.02
CA MET A 420 3.77 28.13 -30.52
C MET A 420 4.72 27.02 -30.06
N ALA A 421 4.52 26.55 -28.84
CA ALA A 421 5.34 25.50 -28.27
C ALA A 421 4.99 24.17 -28.90
N ALA A 422 3.70 23.88 -29.08
CA ALA A 422 3.24 22.62 -29.66
C ALA A 422 3.61 22.46 -31.13
N PHE A 423 3.70 23.55 -31.86
CA PHE A 423 4.06 23.50 -33.27
C PHE A 423 5.48 24.03 -33.49
N ASN A 424 6.45 23.34 -32.86
CA ASN A 424 7.89 23.64 -32.91
C ASN A 424 8.67 22.40 -33.43
N GLY A 425 8.08 21.68 -34.38
CA GLY A 425 8.67 20.47 -34.94
C GLY A 425 7.65 19.57 -35.65
N ARG A 430 13.35 12.00 -36.43
CA ARG A 430 13.11 13.16 -37.31
C ARG A 430 11.83 12.99 -38.14
N THR A 431 11.58 11.77 -38.62
CA THR A 431 10.40 11.43 -39.42
C THR A 431 10.00 9.99 -39.12
N SER A 432 8.70 9.72 -39.20
CA SER A 432 8.11 8.41 -38.92
C SER A 432 6.64 8.43 -39.34
N ASP A 433 6.03 7.24 -39.44
CA ASP A 433 4.60 7.16 -39.74
C ASP A 433 3.76 7.43 -38.49
N MET A 434 4.32 7.21 -37.25
CA MET A 434 3.57 7.59 -36.05
C MET A 434 3.62 9.11 -35.83
N ARG A 435 4.73 9.77 -36.25
CA ARG A 435 4.89 11.23 -36.17
C ARG A 435 3.88 11.95 -37.06
N THR A 436 3.71 11.50 -38.31
CA THR A 436 2.74 12.12 -39.21
C THR A 436 1.30 11.89 -38.74
N GLU A 437 1.02 10.77 -38.07
CA GLU A 437 -0.30 10.44 -37.53
C GLU A 437 -0.63 11.39 -36.35
N ILE A 438 0.37 11.67 -35.50
CA ILE A 438 0.22 12.57 -34.35
C ILE A 438 0.09 14.02 -34.84
N ILE A 439 0.85 14.40 -35.87
CA ILE A 439 0.76 15.75 -36.44
C ILE A 439 -0.63 15.96 -37.05
N ARG A 440 -1.17 14.95 -37.73
CA ARG A 440 -2.51 14.99 -38.31
C ARG A 440 -3.58 15.21 -37.25
N MET A 441 -3.43 14.54 -36.08
CA MET A 441 -4.39 14.65 -34.97
C MET A 441 -4.28 15.99 -34.28
N MET A 442 -3.05 16.52 -34.13
CA MET A 442 -2.79 17.82 -33.51
C MET A 442 -3.33 18.95 -34.34
N GLU A 443 -3.26 18.84 -35.68
CA GLU A 443 -3.73 19.90 -36.57
C GLU A 443 -5.25 19.90 -36.73
N SER A 444 -5.93 18.76 -36.52
CA SER A 444 -7.38 18.68 -36.63
C SER A 444 -8.09 19.02 -35.31
N ALA A 445 -7.43 18.78 -34.17
CA ALA A 445 -8.02 19.10 -32.87
C ALA A 445 -7.87 20.59 -32.56
N ARG A 446 -6.78 21.22 -33.04
CA ARG A 446 -6.38 22.62 -32.87
C ARG A 446 -7.52 23.65 -33.15
N PRO A 447 -8.22 23.63 -34.32
CA PRO A 447 -9.28 24.62 -34.54
C PRO A 447 -10.48 24.40 -33.61
N GLU A 448 -10.68 23.16 -33.12
CA GLU A 448 -11.80 22.82 -32.23
C GLU A 448 -11.73 23.48 -30.86
N ASP A 449 -10.55 24.01 -30.45
CA ASP A 449 -10.32 24.66 -29.16
C ASP A 449 -10.54 23.69 -27.97
N VAL A 450 -10.47 24.17 -26.72
CA VAL A 450 -10.67 23.30 -25.56
C VAL A 450 -12.10 23.41 -25.07
N SER A 451 -12.92 22.37 -25.29
CA SER A 451 -14.30 22.39 -24.81
C SER A 451 -14.37 22.04 -23.31
N PHE A 452 -15.22 22.73 -22.52
CA PHE A 452 -15.34 22.41 -21.09
C PHE A 452 -15.98 20.99 -20.95
N GLN A 453 -15.30 20.07 -20.28
CA GLN A 453 -15.79 18.69 -20.15
C GLN A 453 -16.53 18.43 -18.85
N GLY A 454 -17.66 17.73 -18.97
CA GLY A 454 -18.50 17.39 -17.82
C GLY A 454 -19.84 18.09 -17.88
N ARG A 455 -20.78 17.72 -16.98
CA ARG A 455 -22.10 18.35 -16.96
C ARG A 455 -22.17 19.55 -16.01
N GLY A 456 -21.64 20.69 -16.43
CA GLY A 456 -21.68 21.93 -15.69
C GLY A 456 -21.09 21.97 -14.28
N VAL A 457 -21.43 23.03 -13.54
CA VAL A 457 -20.98 23.25 -12.17
C VAL A 457 -22.14 23.05 -11.16
N PHE A 458 -21.84 22.91 -9.87
CA PHE A 458 -22.88 22.64 -8.90
C PHE A 458 -22.85 23.55 -7.69
N GLU A 459 -24.03 23.92 -7.19
CA GLU A 459 -24.11 24.72 -5.98
C GLU A 459 -23.73 23.80 -4.81
N LEU A 460 -23.06 24.33 -3.79
CA LEU A 460 -22.62 23.53 -2.65
C LEU A 460 -23.75 22.79 -1.95
N SER A 461 -25.00 23.34 -2.01
CA SER A 461 -26.19 22.73 -1.41
C SER A 461 -26.60 21.47 -2.18
N ASP A 462 -26.46 21.50 -3.51
CA ASP A 462 -26.76 20.37 -4.37
C ASP A 462 -25.60 19.37 -4.16
N GLU A 463 -25.77 18.45 -3.21
CA GLU A 463 -24.73 17.47 -2.94
C GLU A 463 -24.77 16.27 -3.89
N LYS A 464 -25.93 15.96 -4.44
CA LYS A 464 -26.10 14.81 -5.33
C LYS A 464 -25.85 15.12 -6.83
N ALA A 465 -25.41 16.35 -7.15
CA ALA A 465 -25.08 16.81 -8.51
C ALA A 465 -26.21 16.63 -9.56
N ALA A 466 -27.45 16.93 -9.15
CA ALA A 466 -28.63 16.77 -10.01
C ALA A 466 -29.03 18.06 -10.76
N SER A 467 -28.52 19.23 -10.33
CA SER A 467 -28.85 20.50 -10.98
C SER A 467 -27.60 21.25 -11.48
N PRO A 468 -27.10 20.88 -12.67
CA PRO A 468 -25.92 21.57 -13.20
C PRO A 468 -26.18 22.99 -13.68
N ILE A 469 -25.19 23.85 -13.53
CA ILE A 469 -25.26 25.24 -13.93
C ILE A 469 -24.44 25.45 -15.21
N VAL A 470 -24.85 26.41 -16.05
CA VAL A 470 -24.14 26.73 -17.30
C VAL A 470 -22.87 27.48 -16.97
N PRO A 471 -21.69 26.92 -17.29
CA PRO A 471 -20.44 27.63 -16.98
C PRO A 471 -20.05 28.67 -18.02
N SER A 472 -20.13 29.97 -17.67
CA SER A 472 -19.75 31.03 -18.60
C SER A 472 -18.30 31.47 -18.37
N PHE A 473 -17.58 31.88 -19.42
CA PHE A 473 -16.18 32.28 -19.29
C PHE A 473 -15.90 33.57 -20.05
N ASP A 474 -15.15 34.51 -19.44
CA ASP A 474 -14.76 35.71 -20.16
C ASP A 474 -13.53 35.32 -20.98
N MET A 475 -13.72 35.01 -22.27
CA MET A 475 -12.66 34.57 -23.16
C MET A 475 -11.52 35.57 -23.37
N SER A 476 -11.60 36.76 -22.77
CA SER A 476 -10.53 37.76 -22.84
C SER A 476 -9.48 37.51 -21.73
N ASN A 477 -9.88 36.81 -20.63
CA ASN A 477 -9.00 36.47 -19.50
C ASN A 477 -7.89 35.48 -20.00
N GLU A 478 -6.67 35.60 -19.46
CA GLU A 478 -5.53 34.81 -19.94
C GLU A 478 -5.79 33.30 -20.09
N GLY A 479 -6.12 32.59 -19.02
CA GLY A 479 -6.39 31.15 -19.12
C GLY A 479 -5.27 30.22 -18.70
N SER A 480 -4.04 30.72 -18.61
CA SER A 480 -2.91 29.93 -18.13
C SER A 480 -2.33 30.57 -16.88
N TYR A 481 -2.12 29.74 -15.86
CA TYR A 481 -1.55 30.17 -14.59
C TYR A 481 -0.12 30.71 -14.75
N PHE A 482 0.62 30.17 -15.70
CA PHE A 482 2.03 30.47 -15.89
C PHE A 482 2.31 31.59 -16.91
N PHE A 483 1.28 32.32 -17.35
CA PHE A 483 1.47 33.39 -18.30
C PHE A 483 2.05 34.61 -17.61
N GLY A 484 3.23 35.04 -18.04
CA GLY A 484 3.93 36.17 -17.44
C GLY A 484 4.40 35.88 -16.02
N ASP A 485 4.79 34.63 -15.79
CA ASP A 485 5.24 34.09 -14.51
C ASP A 485 6.53 34.73 -14.06
N ASN A 486 6.57 35.14 -12.80
CA ASN A 486 7.74 35.76 -12.17
C ASN A 486 8.06 35.14 -10.79
N ALA A 487 7.48 33.97 -10.47
CA ALA A 487 7.65 33.29 -9.19
C ALA A 487 9.06 32.75 -9.05
N GLU A 488 9.53 32.61 -7.81
CA GLU A 488 10.85 32.06 -7.51
C GLU A 488 11.03 30.66 -8.13
N GLU A 489 12.20 30.37 -8.65
CA GLU A 489 12.51 29.06 -9.23
C GLU A 489 12.58 28.01 -8.09
N TYR A 490 12.14 26.75 -8.32
CA TYR A 490 12.18 25.75 -7.25
C TYR A 490 13.59 25.36 -6.82
N ASP A 491 13.87 25.46 -5.51
CA ASP A 491 15.16 25.12 -4.91
C ASP A 491 14.94 24.60 -3.48
N ASN A 492 15.78 23.66 -2.99
CA ASN A 492 15.63 23.12 -1.64
C ASN A 492 16.36 23.97 -0.58
N HIS A 493 15.79 25.16 -0.25
CA HIS A 493 16.33 26.14 0.72
C HIS A 493 17.77 26.53 0.43
N GLN B 14 -7.99 -5.26 -18.69
CA GLN B 14 -6.58 -4.96 -18.43
C GLN B 14 -6.20 -5.03 -16.95
N ASN B 15 -7.19 -4.90 -16.05
CA ASN B 15 -6.92 -4.92 -14.61
C ASN B 15 -6.46 -6.29 -14.10
N ALA B 16 -6.93 -7.38 -14.73
CA ALA B 16 -6.58 -8.73 -14.31
C ALA B 16 -5.08 -8.98 -14.42
N THR B 17 -4.46 -8.50 -15.52
CA THR B 17 -3.02 -8.66 -15.73
C THR B 17 -2.20 -7.73 -14.81
N GLU B 18 -2.80 -6.61 -14.37
CA GLU B 18 -2.17 -5.64 -13.48
C GLU B 18 -2.10 -6.15 -12.04
N ILE B 19 -3.08 -6.99 -11.64
CA ILE B 19 -3.07 -7.61 -10.32
C ILE B 19 -1.93 -8.63 -10.32
N ARG B 20 -1.88 -9.47 -11.36
CA ARG B 20 -0.85 -10.49 -11.55
C ARG B 20 0.58 -9.90 -11.52
N ALA B 21 0.79 -8.71 -12.12
CA ALA B 21 2.10 -8.06 -12.16
C ALA B 21 2.55 -7.56 -10.79
N SER B 22 1.61 -7.02 -10.02
CA SER B 22 1.89 -6.50 -8.68
C SER B 22 2.08 -7.61 -7.64
N VAL B 23 1.43 -8.77 -7.85
CA VAL B 23 1.62 -9.94 -7.01
C VAL B 23 2.97 -10.58 -7.42
N GLY B 24 3.25 -10.66 -8.72
CA GLY B 24 4.52 -11.17 -9.22
C GLY B 24 5.71 -10.37 -8.75
N LYS B 25 5.54 -9.05 -8.67
CA LYS B 25 6.56 -8.12 -8.18
C LYS B 25 6.88 -8.41 -6.69
N MET B 26 5.85 -8.74 -5.92
CA MET B 26 5.97 -9.10 -4.52
C MET B 26 6.79 -10.40 -4.38
N ILE B 27 6.46 -11.43 -5.18
CA ILE B 27 7.12 -12.74 -5.19
C ILE B 27 8.59 -12.63 -5.62
N GLY B 28 8.85 -11.78 -6.62
CA GLY B 28 10.20 -11.51 -7.12
C GLY B 28 11.11 -10.90 -6.07
N GLY B 29 10.56 -10.01 -5.25
CA GLY B 29 11.30 -9.36 -4.17
C GLY B 29 11.69 -10.32 -3.06
N ILE B 30 10.78 -11.27 -2.71
CA ILE B 30 11.05 -12.34 -1.74
C ILE B 30 12.16 -13.25 -2.32
N GLY B 31 12.10 -13.52 -3.63
CA GLY B 31 13.09 -14.33 -4.33
C GLY B 31 14.45 -13.68 -4.27
N ARG B 32 14.55 -12.42 -4.73
CA ARG B 32 15.83 -11.70 -4.70
C ARG B 32 16.37 -11.56 -3.27
N PHE B 33 15.49 -11.43 -2.29
CA PHE B 33 15.92 -11.33 -0.91
C PHE B 33 16.54 -12.62 -0.44
N TYR B 34 15.90 -13.74 -0.76
CA TYR B 34 16.41 -15.03 -0.34
C TYR B 34 17.76 -15.32 -0.99
N ILE B 35 17.91 -15.00 -2.28
CA ILE B 35 19.20 -15.18 -2.98
C ILE B 35 20.31 -14.39 -2.30
N GLN B 36 20.06 -13.13 -1.96
CA GLN B 36 21.05 -12.29 -1.29
C GLN B 36 21.40 -12.85 0.08
N MET B 37 20.41 -13.34 0.84
CA MET B 37 20.64 -13.91 2.17
C MET B 37 21.44 -15.19 2.13
N CYS B 38 21.13 -16.07 1.17
CA CYS B 38 21.90 -17.31 1.00
C CYS B 38 23.36 -17.00 0.67
N THR B 39 23.57 -15.96 -0.15
CA THR B 39 24.86 -15.44 -0.57
C THR B 39 25.65 -14.90 0.64
N GLU B 40 25.01 -14.04 1.48
CA GLU B 40 25.65 -13.48 2.69
C GLU B 40 26.07 -14.64 3.63
N LEU B 41 25.18 -15.62 3.83
CA LEU B 41 25.48 -16.73 4.70
C LEU B 41 26.35 -17.81 4.08
N LYS B 42 26.74 -17.67 2.80
CA LYS B 42 27.56 -18.63 2.07
C LYS B 42 26.95 -20.02 2.09
N LEU B 43 25.62 -20.09 1.96
CA LEU B 43 24.93 -21.38 1.96
C LEU B 43 25.12 -22.08 0.63
N SER B 44 25.26 -23.41 0.66
CA SER B 44 25.37 -24.20 -0.57
C SER B 44 24.00 -24.21 -1.30
N ASP B 45 23.91 -24.90 -2.45
CA ASP B 45 22.63 -25.03 -3.15
C ASP B 45 21.65 -25.82 -2.26
N TYR B 46 22.15 -26.92 -1.65
CA TYR B 46 21.39 -27.81 -0.79
C TYR B 46 20.93 -27.09 0.46
N GLU B 47 21.85 -26.40 1.16
CA GLU B 47 21.54 -25.65 2.38
C GLU B 47 20.58 -24.51 2.08
N GLY B 48 20.71 -23.87 0.92
CA GLY B 48 19.81 -22.79 0.52
C GLY B 48 18.39 -23.31 0.33
N ARG B 49 18.22 -24.53 -0.18
CA ARG B 49 16.92 -25.14 -0.36
C ARG B 49 16.45 -25.90 0.88
N LEU B 50 17.17 -25.82 2.00
CA LEU B 50 16.76 -26.48 3.22
C LEU B 50 15.64 -25.62 3.78
N ILE B 51 14.47 -26.23 3.98
CA ILE B 51 13.28 -25.55 4.48
C ILE B 51 13.51 -24.94 5.86
N GLN B 52 14.34 -25.57 6.70
CA GLN B 52 14.66 -25.01 8.02
C GLN B 52 15.46 -23.71 7.87
N ASN B 53 16.38 -23.65 6.90
CA ASN B 53 17.12 -22.41 6.63
C ASN B 53 16.22 -21.31 6.09
N SER B 54 15.23 -21.70 5.28
CA SER B 54 14.26 -20.77 4.72
C SER B 54 13.45 -20.16 5.84
N LEU B 55 12.98 -20.98 6.78
CA LEU B 55 12.16 -20.45 7.87
C LEU B 55 12.97 -19.47 8.73
N THR B 56 14.24 -19.77 9.07
CA THR B 56 15.09 -18.86 9.84
C THR B 56 15.25 -17.52 9.11
N ILE B 57 15.47 -17.54 7.80
CA ILE B 57 15.65 -16.31 7.03
C ILE B 57 14.34 -15.53 6.90
N GLU B 58 13.22 -16.24 6.66
CA GLU B 58 11.88 -15.65 6.57
C GLU B 58 11.53 -14.94 7.87
N ARG B 59 11.79 -15.60 9.02
CA ARG B 59 11.55 -15.06 10.35
C ARG B 59 12.44 -13.87 10.67
N MET B 60 13.68 -13.84 10.19
CA MET B 60 14.58 -12.72 10.43
C MET B 60 14.08 -11.46 9.75
N VAL B 61 13.49 -11.56 8.55
CA VAL B 61 12.99 -10.37 7.86
C VAL B 61 11.63 -9.94 8.43
N LEU B 62 10.83 -10.88 8.97
CA LEU B 62 9.58 -10.54 9.67
C LEU B 62 9.94 -9.87 10.99
N SER B 63 10.97 -10.35 11.67
CA SER B 63 11.44 -9.79 12.92
C SER B 63 12.11 -8.44 12.69
N ALA B 64 12.80 -8.25 11.58
CA ALA B 64 13.45 -6.96 11.31
C ALA B 64 12.46 -5.82 11.08
N PHE B 65 11.26 -6.14 10.58
CA PHE B 65 10.25 -5.11 10.31
C PHE B 65 9.15 -5.03 11.37
N ASP B 66 8.96 -6.12 12.13
CA ASP B 66 7.97 -6.19 13.17
C ASP B 66 8.16 -5.09 14.23
N GLU B 67 9.40 -4.84 14.64
CA GLU B 67 9.74 -3.85 15.65
C GLU B 67 8.98 -4.10 16.96
N ARG B 68 8.84 -5.38 17.33
CA ARG B 68 8.17 -5.88 18.54
C ARG B 68 6.71 -5.47 18.68
N ARG B 69 6.04 -5.19 17.56
CA ARG B 69 4.62 -4.83 17.56
C ARG B 69 3.68 -6.05 17.47
N ASN B 70 4.21 -7.23 17.17
CA ASN B 70 3.46 -8.47 16.93
C ASN B 70 2.54 -8.36 15.72
N LYS B 71 3.01 -7.65 14.68
CA LYS B 71 2.26 -7.47 13.45
C LYS B 71 2.59 -8.59 12.48
N TYR B 72 3.87 -8.94 12.36
CA TYR B 72 4.29 -10.02 11.45
C TYR B 72 4.86 -11.21 12.22
N LEU B 73 5.18 -11.06 13.53
CA LEU B 73 5.81 -12.11 14.32
C LEU B 73 5.71 -11.90 15.85
N GLU B 74 5.64 -13.01 16.58
CA GLU B 74 5.68 -13.03 18.04
C GLU B 74 6.92 -13.87 18.39
N GLU B 75 7.85 -13.26 19.13
CA GLU B 75 9.12 -13.91 19.46
C GLU B 75 9.34 -14.00 20.96
N HIS B 76 10.11 -14.99 21.41
CA HIS B 76 10.47 -15.10 22.82
C HIS B 76 11.70 -14.21 23.06
N PRO B 77 11.80 -13.47 24.19
CA PRO B 77 12.95 -12.57 24.40
C PRO B 77 14.31 -13.25 24.72
N SER B 78 14.91 -13.95 23.72
CA SER B 78 16.18 -14.65 23.84
C SER B 78 17.00 -14.45 22.56
N GLY B 80 14.54 -11.47 21.41
CA GLY B 80 14.29 -10.45 22.42
C GLY B 80 15.42 -10.23 23.41
N LYS B 81 16.63 -10.68 23.05
CA LYS B 81 17.79 -10.50 23.93
C LYS B 81 18.29 -9.09 23.68
N ASP B 82 18.75 -8.82 22.45
CA ASP B 82 19.20 -7.50 22.01
C ASP B 82 18.14 -7.07 21.02
N PRO B 83 17.41 -6.00 21.32
CA PRO B 83 16.33 -5.56 20.42
C PRO B 83 16.79 -5.18 19.01
N LYS B 84 17.99 -4.62 18.88
CA LYS B 84 18.50 -4.22 17.57
C LYS B 84 19.02 -5.40 16.72
N LYS B 85 19.06 -6.61 17.29
CA LYS B 85 19.55 -7.78 16.57
C LYS B 85 18.50 -8.88 16.46
N THR B 86 18.59 -9.65 15.39
CA THR B 86 17.68 -10.77 15.16
C THR B 86 18.40 -11.92 14.48
N GLY B 87 17.91 -13.14 14.67
CA GLY B 87 18.52 -14.32 14.09
C GLY B 87 17.91 -15.61 14.55
N GLY B 88 18.62 -16.69 14.31
CA GLY B 88 18.16 -18.01 14.67
C GLY B 88 19.08 -19.08 14.13
N PRO B 89 18.55 -20.33 14.09
CA PRO B 89 19.38 -21.45 13.65
C PRO B 89 19.58 -21.59 12.13
N ILE B 90 20.82 -21.77 11.73
CA ILE B 90 21.23 -22.03 10.36
C ILE B 90 21.89 -23.40 10.38
N TYR B 91 21.51 -24.26 9.45
CA TYR B 91 22.04 -25.61 9.40
C TYR B 91 22.96 -25.83 8.22
N ARG B 92 24.14 -26.36 8.52
CA ARG B 92 25.16 -26.60 7.50
C ARG B 92 25.57 -28.05 7.50
N ARG B 93 25.88 -28.58 6.34
CA ARG B 93 26.35 -29.95 6.21
C ARG B 93 27.88 -30.01 6.18
N VAL B 94 28.51 -30.15 7.35
CA VAL B 94 29.96 -30.26 7.46
C VAL B 94 30.38 -31.72 7.63
N ASN B 95 31.12 -32.25 6.64
CA ASN B 95 31.64 -33.62 6.59
C ASN B 95 30.54 -34.67 6.78
N GLY B 96 29.52 -34.61 5.94
CA GLY B 96 28.40 -35.52 5.95
C GLY B 96 27.49 -35.43 7.17
N LYS B 97 27.65 -34.38 7.98
CA LYS B 97 26.84 -34.22 9.17
C LYS B 97 26.20 -32.86 9.23
N TRP B 98 25.02 -32.78 9.83
CA TRP B 98 24.33 -31.52 9.99
C TRP B 98 24.73 -30.88 11.32
N MET B 99 25.10 -29.61 11.23
CA MET B 99 25.49 -28.78 12.36
C MET B 99 24.49 -27.62 12.43
N ARG B 100 24.14 -27.21 13.63
CA ARG B 100 23.24 -26.07 13.83
C ARG B 100 24.05 -24.94 14.42
N GLU B 101 23.91 -23.75 13.86
CA GLU B 101 24.61 -22.58 14.37
C GLU B 101 23.59 -21.48 14.60
N LEU B 102 23.81 -20.66 15.63
CA LEU B 102 22.91 -19.57 15.93
C LEU B 102 23.51 -18.30 15.40
N ILE B 103 22.90 -17.74 14.37
CA ILE B 103 23.40 -16.50 13.79
C ILE B 103 22.65 -15.30 14.35
N LEU B 104 23.30 -14.14 14.33
CA LEU B 104 22.71 -12.91 14.79
C LEU B 104 23.08 -11.83 13.80
N TYR B 105 22.09 -11.28 13.13
CA TYR B 105 22.27 -10.18 12.18
C TYR B 105 21.58 -8.94 12.71
N ASP B 106 22.09 -7.77 12.33
CA ASP B 106 21.50 -6.50 12.75
C ASP B 106 20.18 -6.34 12.03
N LYS B 107 19.12 -5.95 12.75
CA LYS B 107 17.80 -5.75 12.16
C LYS B 107 17.84 -4.69 11.07
N GLU B 108 18.60 -3.63 11.29
CA GLU B 108 18.78 -2.53 10.33
C GLU B 108 19.41 -3.03 9.03
N GLU B 109 20.37 -3.94 9.15
CA GLU B 109 21.05 -4.56 8.01
C GLU B 109 20.11 -5.49 7.23
N ILE B 110 19.30 -6.27 7.96
CA ILE B 110 18.30 -7.16 7.36
C ILE B 110 17.22 -6.33 6.66
N ARG B 111 16.88 -5.15 7.20
CA ARG B 111 15.90 -4.25 6.60
C ARG B 111 16.43 -3.73 5.27
N ARG B 112 17.72 -3.33 5.25
CA ARG B 112 18.43 -2.79 4.09
C ARG B 112 18.47 -3.78 2.91
N ILE B 113 18.72 -5.06 3.21
CA ILE B 113 18.77 -6.13 2.20
C ILE B 113 17.37 -6.37 1.63
N TRP B 114 16.32 -6.30 2.47
CA TRP B 114 14.92 -6.45 2.05
C TRP B 114 14.51 -5.31 1.11
N ARG B 115 14.89 -4.09 1.47
CA ARG B 115 14.59 -2.93 0.63
C ARG B 115 15.40 -2.95 -0.66
N GLN B 116 16.68 -3.39 -0.60
CA GLN B 116 17.56 -3.49 -1.77
C GLN B 116 16.98 -4.51 -2.78
N ALA B 117 16.49 -5.66 -2.26
CA ALA B 117 15.86 -6.71 -3.06
C ALA B 117 14.45 -6.33 -3.58
N ASN B 118 13.84 -5.29 -3.03
CA ASN B 118 12.55 -4.81 -3.51
C ASN B 118 12.71 -3.42 -4.13
N ASN B 119 13.86 -3.17 -4.80
CA ASN B 119 14.20 -1.91 -5.48
C ASN B 119 13.75 -0.63 -4.73
N GLY B 120 14.11 -0.53 -3.46
CA GLY B 120 13.80 0.62 -2.62
C GLY B 120 12.47 0.61 -1.87
N ASP B 121 11.54 -0.27 -2.30
CA ASP B 121 10.23 -0.36 -1.70
C ASP B 121 10.26 -1.13 -0.40
N ASP B 122 9.35 -0.74 0.52
CA ASP B 122 9.16 -1.38 1.82
C ASP B 122 8.61 -2.78 1.61
N ALA B 123 7.69 -2.96 0.62
CA ALA B 123 7.07 -4.20 0.18
C ALA B 123 6.55 -5.08 1.32
N THR B 124 5.69 -4.47 2.15
CA THR B 124 5.07 -5.15 3.28
C THR B 124 4.06 -6.21 2.83
N ALA B 125 3.67 -6.27 1.55
CA ALA B 125 2.85 -7.37 1.05
C ALA B 125 3.71 -8.67 0.98
N GLY B 126 5.01 -8.52 0.68
CA GLY B 126 5.99 -9.58 0.68
C GLY B 126 6.16 -10.09 2.10
N LEU B 127 6.23 -9.18 3.09
CA LEU B 127 6.31 -9.53 4.52
C LEU B 127 5.06 -10.33 4.96
N THR B 128 3.84 -9.90 4.59
CA THR B 128 2.63 -10.62 5.00
C THR B 128 2.48 -11.99 4.29
N HIS B 129 3.01 -12.14 3.08
CA HIS B 129 2.96 -13.40 2.33
C HIS B 129 3.76 -14.47 3.07
N MET B 130 4.93 -14.10 3.59
CA MET B 130 5.77 -15.04 4.35
C MET B 130 5.15 -15.42 5.68
N MET B 131 4.48 -14.46 6.32
CA MET B 131 3.75 -14.61 7.59
C MET B 131 2.57 -15.55 7.38
N ILE B 132 1.84 -15.42 6.25
CA ILE B 132 0.73 -16.29 5.93
C ILE B 132 1.25 -17.70 5.66
N TRP B 133 2.39 -17.83 4.96
CA TRP B 133 3.00 -19.13 4.74
C TRP B 133 3.34 -19.80 6.11
N HIS B 134 3.87 -19.03 7.08
CA HIS B 134 4.20 -19.55 8.40
C HIS B 134 2.93 -19.98 9.13
N SER B 135 1.84 -19.22 8.96
CA SER B 135 0.59 -19.56 9.61
C SER B 135 0.05 -20.85 9.03
N ASN B 136 0.08 -20.98 7.68
CA ASN B 136 -0.37 -22.20 7.00
C ASN B 136 0.45 -23.41 7.37
N LEU B 137 1.74 -23.23 7.73
CA LEU B 137 2.62 -24.31 8.15
C LEU B 137 2.25 -24.77 9.57
N ASN B 138 2.05 -23.80 10.47
CA ASN B 138 1.65 -24.13 11.84
C ASN B 138 0.27 -24.81 11.84
N ASP B 139 -0.67 -24.33 11.01
CA ASP B 139 -1.99 -24.95 10.88
C ASP B 139 -1.87 -26.40 10.43
N ALA B 140 -0.93 -26.72 9.54
CA ALA B 140 -0.71 -28.09 9.10
C ALA B 140 0.05 -28.95 10.13
N THR B 141 0.78 -28.32 11.03
CA THR B 141 1.60 -29.01 12.00
C THR B 141 1.00 -29.25 13.40
N TYR B 142 0.47 -28.19 14.05
CA TYR B 142 0.11 -28.28 15.44
C TYR B 142 -1.35 -28.32 15.74
N GLN B 143 -1.65 -28.96 16.85
CA GLN B 143 -2.98 -29.11 17.43
C GLN B 143 -3.32 -27.81 18.18
N ARG B 144 -4.60 -27.44 18.19
CA ARG B 144 -5.10 -26.28 18.95
C ARG B 144 -6.23 -26.69 19.92
N THR B 145 -6.24 -27.98 20.31
CA THR B 145 -7.21 -28.65 21.16
C THR B 145 -7.19 -28.12 22.59
N ARG B 146 -6.02 -28.10 23.24
CA ARG B 146 -5.88 -27.56 24.60
C ARG B 146 -6.14 -26.05 24.63
N ALA B 147 -5.87 -25.34 23.52
CA ALA B 147 -6.10 -23.90 23.45
C ALA B 147 -7.60 -23.60 23.45
N LEU B 148 -8.40 -24.46 22.81
CA LEU B 148 -9.85 -24.27 22.79
C LEU B 148 -10.40 -24.61 24.16
N VAL B 149 -9.95 -25.72 24.75
CA VAL B 149 -10.40 -26.12 26.08
C VAL B 149 -10.15 -25.03 27.13
N ARG B 150 -8.93 -24.46 27.16
CA ARG B 150 -8.57 -23.40 28.11
C ARG B 150 -9.40 -22.13 27.98
N THR B 151 -9.86 -21.81 26.76
CA THR B 151 -10.71 -20.64 26.56
C THR B 151 -12.23 -20.99 26.63
N GLY B 152 -12.58 -22.15 27.18
CA GLY B 152 -13.96 -22.60 27.35
C GLY B 152 -14.66 -23.06 26.10
N MET B 153 -13.92 -23.41 25.08
CA MET B 153 -14.46 -23.83 23.80
C MET B 153 -14.46 -25.34 23.57
N ASP B 154 -15.28 -25.80 22.64
CA ASP B 154 -15.40 -27.20 22.24
C ASP B 154 -14.18 -27.54 21.37
N PRO B 155 -13.34 -28.49 21.80
CA PRO B 155 -12.15 -28.84 20.98
C PRO B 155 -12.49 -29.36 19.58
N ARG B 156 -13.77 -29.77 19.34
CA ARG B 156 -14.24 -30.20 18.00
C ARG B 156 -14.37 -29.00 17.02
N MET B 157 -14.02 -27.78 17.45
CA MET B 157 -13.98 -26.60 16.58
C MET B 157 -12.64 -26.51 15.81
N CYS B 158 -11.75 -27.53 15.92
CA CYS B 158 -10.44 -27.57 15.28
C CYS B 158 -10.47 -27.21 13.81
N SER B 159 -11.53 -27.62 13.08
CA SER B 159 -11.68 -27.38 11.64
C SER B 159 -11.96 -25.92 11.22
N LEU B 160 -12.12 -25.04 12.20
CA LEU B 160 -12.38 -23.64 11.98
C LEU B 160 -11.22 -22.79 12.54
N MET B 161 -10.01 -23.36 12.71
CA MET B 161 -8.90 -22.63 13.30
C MET B 161 -7.88 -22.19 12.29
N GLN B 162 -8.36 -21.77 11.09
CA GLN B 162 -7.51 -21.22 10.02
C GLN B 162 -6.84 -19.95 10.56
N GLY B 163 -5.55 -19.80 10.38
CA GLY B 163 -4.82 -18.63 10.86
C GLY B 163 -4.86 -18.39 12.36
N SER B 164 -5.08 -19.42 13.16
CA SER B 164 -5.13 -19.28 14.62
C SER B 164 -3.80 -18.85 15.26
N THR B 165 -2.70 -19.23 14.64
CA THR B 165 -1.38 -18.94 15.14
C THR B 165 -0.87 -17.56 14.68
N LEU B 166 -1.64 -16.79 13.89
CA LEU B 166 -1.23 -15.46 13.41
C LEU B 166 -0.92 -14.52 14.55
N PRO B 167 0.08 -13.64 14.40
CA PRO B 167 0.39 -12.67 15.45
C PRO B 167 -0.77 -11.71 15.69
N ARG B 168 -1.00 -11.33 16.97
CA ARG B 168 -2.12 -10.51 17.44
C ARG B 168 -2.41 -9.23 16.62
N ARG B 169 -1.35 -8.50 16.19
CA ARG B 169 -1.54 -7.26 15.42
C ARG B 169 -1.52 -7.47 13.91
N SER B 170 -2.07 -8.62 13.44
CA SER B 170 -2.12 -8.99 12.03
C SER B 170 -2.76 -7.93 11.13
N GLY B 171 -3.94 -7.47 11.52
CA GLY B 171 -4.62 -6.43 10.75
C GLY B 171 -5.57 -6.92 9.68
N ALA B 172 -5.31 -6.57 8.40
CA ALA B 172 -6.23 -6.94 7.33
C ALA B 172 -5.76 -8.14 6.56
N ALA B 173 -4.45 -8.26 6.35
CA ALA B 173 -3.89 -9.39 5.61
C ALA B 173 -4.05 -10.73 6.35
N GLY B 174 -4.18 -10.69 7.68
CA GLY B 174 -4.36 -11.87 8.51
C GLY B 174 -5.82 -12.18 8.82
N ALA B 175 -6.68 -11.16 8.71
CA ALA B 175 -8.12 -11.30 8.94
C ALA B 175 -8.80 -12.08 7.83
N ALA B 176 -8.26 -12.03 6.59
CA ALA B 176 -8.89 -12.73 5.49
C ALA B 176 -8.69 -14.23 5.62
N VAL B 177 -7.48 -14.66 6.01
CA VAL B 177 -7.19 -16.10 6.14
C VAL B 177 -7.65 -16.71 7.47
N LYS B 178 -8.15 -15.90 8.43
CA LYS B 178 -8.59 -16.46 9.71
C LYS B 178 -9.90 -17.20 9.60
N GLY B 179 -10.08 -18.21 10.44
CA GLY B 179 -11.27 -19.03 10.47
C GLY B 179 -12.28 -18.51 11.46
N VAL B 180 -13.54 -18.96 11.35
CA VAL B 180 -14.64 -18.56 12.24
C VAL B 180 -14.25 -18.82 13.71
N GLY B 181 -13.69 -19.99 13.96
CA GLY B 181 -13.24 -20.38 15.30
C GLY B 181 -12.11 -19.52 15.81
N THR B 182 -11.23 -19.05 14.91
CA THR B 182 -10.11 -18.18 15.27
C THR B 182 -10.64 -16.81 15.76
N MET B 183 -11.60 -16.24 15.01
CA MET B 183 -12.19 -14.97 15.38
C MET B 183 -12.97 -15.11 16.68
N VAL B 184 -13.73 -16.22 16.83
CA VAL B 184 -14.48 -16.51 18.04
C VAL B 184 -13.53 -16.66 19.21
N MET B 185 -12.46 -17.43 19.07
CA MET B 185 -11.48 -17.60 20.14
C MET B 185 -10.85 -16.27 20.56
N GLU B 186 -10.55 -15.39 19.59
CA GLU B 186 -9.95 -14.08 19.88
C GLU B 186 -10.93 -13.16 20.61
N LEU B 187 -12.19 -13.06 20.14
CA LEU B 187 -13.22 -12.22 20.73
C LEU B 187 -13.59 -12.73 22.12
N VAL B 188 -13.65 -14.06 22.30
CA VAL B 188 -13.98 -14.74 23.57
C VAL B 188 -12.89 -14.48 24.62
N ARG B 189 -11.63 -14.37 24.20
CA ARG B 189 -10.53 -14.06 25.12
C ARG B 189 -10.61 -12.63 25.65
N MET B 190 -11.15 -11.71 24.84
CA MET B 190 -11.38 -10.32 25.24
C MET B 190 -12.55 -10.28 26.22
N ILE B 191 -13.65 -10.99 25.91
CA ILE B 191 -14.82 -11.06 26.77
C ILE B 191 -14.47 -11.67 28.13
N LYS B 192 -13.57 -12.67 28.16
CA LYS B 192 -13.12 -13.28 29.42
C LYS B 192 -12.32 -12.28 30.27
N ARG B 193 -11.53 -11.40 29.62
CA ARG B 193 -10.79 -10.36 30.33
C ARG B 193 -11.72 -9.26 30.87
N GLY B 194 -12.80 -8.98 30.15
CA GLY B 194 -13.80 -8.02 30.57
C GLY B 194 -14.68 -8.53 31.68
N ILE B 195 -14.90 -9.86 31.73
CA ILE B 195 -15.73 -10.45 32.78
C ILE B 195 -14.98 -10.45 34.11
N ASN B 196 -13.71 -10.85 34.08
CA ASN B 196 -12.81 -10.91 35.24
C ASN B 196 -12.38 -9.52 35.71
N ASP B 197 -12.32 -8.54 34.79
CA ASP B 197 -11.88 -7.18 35.09
C ASP B 197 -12.68 -6.16 34.26
N ARG B 198 -13.55 -5.36 34.92
CA ARG B 198 -14.36 -4.34 34.24
C ARG B 198 -13.49 -3.23 33.63
N ASN B 199 -12.36 -2.91 34.28
CA ASN B 199 -11.40 -1.88 33.84
C ASN B 199 -10.75 -2.19 32.49
N PHE B 200 -10.98 -3.40 31.93
CA PHE B 200 -10.48 -3.78 30.61
C PHE B 200 -11.21 -2.97 29.51
N TRP B 201 -12.49 -2.59 29.75
CA TRP B 201 -13.30 -1.77 28.83
C TRP B 201 -13.31 -0.28 29.18
N ARG B 202 -12.45 0.16 30.11
CA ARG B 202 -12.42 1.54 30.59
C ARG B 202 -11.08 2.23 30.35
N GLY B 203 -11.09 3.56 30.40
CA GLY B 203 -9.88 4.34 30.24
C GLY B 203 -9.37 4.50 28.82
N GLU B 204 -8.07 4.71 28.68
CA GLU B 204 -7.46 4.84 27.36
C GLU B 204 -7.28 3.46 26.74
N ASN B 205 -6.84 2.48 27.55
CA ASN B 205 -6.66 1.10 27.11
C ASN B 205 -7.99 0.53 26.62
N GLY B 206 -9.08 0.84 27.33
CA GLY B 206 -10.43 0.41 27.02
C GLY B 206 -10.97 0.98 25.71
N ARG B 207 -10.54 2.21 25.34
CA ARG B 207 -10.96 2.87 24.10
C ARG B 207 -10.35 2.16 22.90
N LYS B 208 -9.08 1.77 23.00
CA LYS B 208 -8.38 1.04 21.94
C LYS B 208 -8.89 -0.41 21.89
N THR B 209 -9.16 -1.00 23.07
CA THR B 209 -9.72 -2.34 23.28
C THR B 209 -11.08 -2.43 22.56
N ARG B 210 -11.91 -1.39 22.71
CA ARG B 210 -13.24 -1.32 22.13
C ARG B 210 -13.18 -1.28 20.62
N ILE B 211 -12.26 -0.47 20.05
CA ILE B 211 -12.09 -0.38 18.61
C ILE B 211 -11.54 -1.70 18.04
N ALA B 212 -10.69 -2.41 18.79
CA ALA B 212 -10.15 -3.70 18.37
C ALA B 212 -11.26 -4.75 18.35
N TYR B 213 -12.15 -4.73 19.37
CA TYR B 213 -13.31 -5.60 19.52
C TYR B 213 -14.30 -5.41 18.36
N GLU B 214 -14.67 -4.15 18.06
CA GLU B 214 -15.59 -3.80 16.98
C GLU B 214 -15.02 -4.19 15.64
N ARG B 215 -13.70 -4.06 15.45
CA ARG B 215 -13.02 -4.46 14.22
C ARG B 215 -13.13 -5.97 14.04
N MET B 216 -12.78 -6.76 15.08
CA MET B 216 -12.87 -8.23 15.02
C MET B 216 -14.29 -8.70 14.77
N CYS B 217 -15.27 -8.01 15.37
CA CYS B 217 -16.68 -8.33 15.20
C CYS B 217 -17.09 -8.18 13.73
N ASN B 218 -16.66 -7.08 13.08
CA ASN B 218 -17.01 -6.83 11.68
C ASN B 218 -16.26 -7.74 10.69
N ILE B 219 -15.07 -8.22 11.10
CA ILE B 219 -14.26 -9.15 10.33
C ILE B 219 -14.94 -10.52 10.38
N LEU B 220 -15.37 -10.95 11.59
CA LEU B 220 -16.06 -12.23 11.76
C LEU B 220 -17.39 -12.19 11.06
N LYS B 221 -18.14 -11.07 11.20
CA LYS B 221 -19.45 -10.83 10.58
C LYS B 221 -19.36 -10.92 9.04
N GLY B 222 -18.28 -10.38 8.48
CA GLY B 222 -18.03 -10.42 7.05
C GLY B 222 -17.83 -11.84 6.54
N LYS B 223 -17.32 -12.74 7.39
CA LYS B 223 -17.12 -14.13 7.02
C LYS B 223 -18.45 -14.88 6.89
N PHE B 224 -19.44 -14.54 7.73
CA PHE B 224 -20.73 -15.20 7.69
C PHE B 224 -21.45 -14.99 6.37
N GLN B 225 -22.19 -16.00 5.91
CA GLN B 225 -22.83 -15.92 4.60
C GLN B 225 -24.35 -15.90 4.59
N THR B 226 -24.98 -15.85 5.77
CA THR B 226 -26.45 -15.80 5.88
C THR B 226 -26.88 -14.47 6.51
N ALA B 227 -28.18 -14.14 6.42
CA ALA B 227 -28.69 -12.90 6.99
C ALA B 227 -28.69 -12.98 8.52
N ALA B 228 -29.17 -14.10 9.08
CA ALA B 228 -29.27 -14.27 10.53
C ALA B 228 -27.92 -14.33 11.27
N GLN B 229 -26.87 -14.90 10.66
CA GLN B 229 -25.53 -14.99 11.26
C GLN B 229 -24.84 -13.64 11.32
N LYS B 230 -25.09 -12.80 10.31
CA LYS B 230 -24.54 -11.45 10.27
C LYS B 230 -25.32 -10.57 11.27
N ALA B 231 -26.66 -10.73 11.33
CA ALA B 231 -27.52 -10.00 12.26
C ALA B 231 -27.18 -10.33 13.72
N MET B 232 -26.77 -11.59 14.00
CA MET B 232 -26.33 -12.00 15.33
C MET B 232 -25.00 -11.32 15.68
N MET B 233 -24.12 -11.13 14.69
CA MET B 233 -22.85 -10.46 14.92
C MET B 233 -23.04 -8.97 15.23
N ASP B 234 -24.12 -8.34 14.72
CA ASP B 234 -24.47 -6.96 15.01
C ASP B 234 -24.85 -6.83 16.49
N GLN B 235 -25.59 -7.81 17.02
CA GLN B 235 -26.02 -7.85 18.41
C GLN B 235 -24.85 -7.94 19.39
N VAL B 236 -23.89 -8.81 19.10
CA VAL B 236 -22.71 -8.98 19.93
C VAL B 236 -21.86 -7.69 19.85
N ARG B 237 -21.68 -7.11 18.65
CA ARG B 237 -20.87 -5.92 18.45
C ARG B 237 -21.42 -4.70 19.18
N GLU B 238 -22.73 -4.46 19.14
CA GLU B 238 -23.33 -3.30 19.81
C GLU B 238 -23.38 -3.40 21.33
N SER B 239 -23.12 -4.59 21.90
CA SER B 239 -23.13 -4.85 23.34
C SER B 239 -22.05 -4.02 24.04
N ARG B 240 -22.46 -3.01 24.82
CA ARG B 240 -21.52 -2.11 25.47
C ARG B 240 -20.58 -2.79 26.48
N ASN B 241 -21.08 -3.76 27.25
CA ASN B 241 -20.22 -4.47 28.18
C ASN B 241 -20.37 -5.98 27.98
N PRO B 242 -19.55 -6.56 27.08
CA PRO B 242 -19.64 -7.99 26.80
C PRO B 242 -19.42 -8.95 27.99
N GLY B 243 -20.33 -9.90 28.14
CA GLY B 243 -20.29 -10.92 29.18
C GLY B 243 -20.74 -12.27 28.67
N ASN B 244 -21.29 -13.11 29.57
CA ASN B 244 -21.74 -14.47 29.25
C ASN B 244 -22.62 -14.57 28.01
N ALA B 245 -23.59 -13.65 27.84
CA ALA B 245 -24.49 -13.61 26.70
C ALA B 245 -23.76 -13.42 25.36
N GLU B 246 -22.59 -12.77 25.37
CA GLU B 246 -21.81 -12.57 24.15
C GLU B 246 -20.95 -13.81 23.85
N PHE B 247 -20.45 -14.47 24.90
CA PHE B 247 -19.66 -15.71 24.80
C PHE B 247 -20.55 -16.80 24.21
N GLU B 248 -21.80 -16.90 24.70
CA GLU B 248 -22.77 -17.89 24.29
C GLU B 248 -23.17 -17.71 22.84
N ASP B 249 -23.41 -16.46 22.40
CA ASP B 249 -23.78 -16.20 21.01
C ASP B 249 -22.61 -16.52 20.09
N LEU B 250 -21.39 -16.11 20.47
CA LEU B 250 -20.18 -16.41 19.69
C LEU B 250 -19.95 -17.92 19.53
N THR B 251 -20.07 -18.69 20.62
CA THR B 251 -19.90 -20.15 20.54
C THR B 251 -21.07 -20.77 19.76
N PHE B 252 -22.28 -20.18 19.82
CA PHE B 252 -23.44 -20.63 19.06
C PHE B 252 -23.14 -20.49 17.56
N LEU B 253 -22.61 -19.33 17.14
CA LEU B 253 -22.26 -19.04 15.75
C LEU B 253 -21.09 -19.88 15.27
N ALA B 254 -20.17 -20.24 16.16
CA ALA B 254 -19.05 -21.11 15.84
C ALA B 254 -19.62 -22.51 15.54
N ARG B 255 -20.55 -23.02 16.38
CA ARG B 255 -21.21 -24.31 16.16
C ARG B 255 -21.96 -24.29 14.82
N SER B 256 -22.65 -23.17 14.52
CA SER B 256 -23.40 -23.00 13.28
C SER B 256 -22.50 -23.00 12.05
N ALA B 257 -21.25 -22.51 12.19
CA ALA B 257 -20.28 -22.48 11.10
C ALA B 257 -19.74 -23.86 10.70
N LEU B 258 -20.09 -24.93 11.44
CA LEU B 258 -19.73 -26.30 11.10
C LEU B 258 -20.67 -26.87 10.02
N ILE B 259 -21.91 -26.33 9.90
CA ILE B 259 -22.90 -26.75 8.90
C ILE B 259 -23.06 -25.64 7.86
N LEU B 260 -23.22 -24.40 8.33
CA LEU B 260 -23.39 -23.24 7.47
C LEU B 260 -22.02 -22.59 7.31
N ARG B 261 -21.23 -23.14 6.40
CA ARG B 261 -19.86 -22.72 6.15
C ARG B 261 -19.69 -21.23 5.86
N GLY B 262 -18.65 -20.65 6.42
CA GLY B 262 -18.31 -19.24 6.24
C GLY B 262 -17.34 -19.02 5.09
N SER B 263 -16.95 -17.77 4.90
CA SER B 263 -16.07 -17.33 3.84
C SER B 263 -14.68 -17.09 4.42
N VAL B 264 -13.83 -18.12 4.37
CA VAL B 264 -12.48 -18.01 4.87
C VAL B 264 -11.52 -18.06 3.69
N ALA B 265 -10.72 -17.01 3.47
CA ALA B 265 -9.79 -17.00 2.34
C ALA B 265 -8.62 -17.95 2.60
N HIS B 266 -8.34 -18.84 1.64
CA HIS B 266 -7.23 -19.79 1.75
C HIS B 266 -6.15 -19.35 0.75
N LYS B 267 -5.00 -18.85 1.23
CA LYS B 267 -3.93 -18.38 0.35
C LYS B 267 -2.73 -19.33 0.26
N SER B 268 -2.42 -19.82 -0.95
CA SER B 268 -1.26 -20.68 -1.14
C SER B 268 0.03 -19.83 -1.19
N CYS B 269 0.72 -19.76 -0.05
CA CYS B 269 1.94 -18.99 0.08
C CYS B 269 3.11 -19.95 0.25
N LEU B 270 4.12 -19.87 -0.65
CA LEU B 270 5.24 -20.79 -0.68
C LEU B 270 6.49 -20.28 0.09
N PRO B 271 7.38 -21.21 0.52
CA PRO B 271 8.60 -20.75 1.21
C PRO B 271 9.55 -19.97 0.31
N ALA B 272 10.40 -19.15 0.91
CA ALA B 272 11.37 -18.32 0.17
C ALA B 272 12.39 -19.15 -0.58
N CYS B 273 12.64 -20.39 -0.15
CA CYS B 273 13.53 -21.29 -0.88
C CYS B 273 12.89 -21.87 -2.15
N VAL B 274 11.65 -21.46 -2.48
CA VAL B 274 10.95 -21.81 -3.71
C VAL B 274 11.04 -20.58 -4.64
N TYR B 275 10.85 -19.37 -4.11
CA TYR B 275 10.90 -18.14 -4.90
C TYR B 275 12.34 -17.73 -5.24
N GLY B 276 13.26 -18.02 -4.33
CA GLY B 276 14.68 -17.75 -4.53
C GLY B 276 15.23 -18.46 -5.75
N PRO B 277 15.12 -19.78 -5.84
CA PRO B 277 15.62 -20.50 -7.02
C PRO B 277 14.95 -20.16 -8.36
N ALA B 278 13.65 -19.83 -8.36
CA ALA B 278 12.95 -19.47 -9.59
C ALA B 278 13.43 -18.11 -10.07
N VAL B 279 13.63 -17.16 -9.14
CA VAL B 279 14.16 -15.85 -9.51
C VAL B 279 15.59 -16.02 -9.99
N ALA B 280 16.40 -16.85 -9.30
CA ALA B 280 17.79 -17.14 -9.62
C ALA B 280 17.94 -17.59 -11.07
N SER B 281 17.06 -18.49 -11.52
CA SER B 281 16.99 -19.02 -12.88
C SER B 281 16.39 -18.07 -13.92
N GLY B 282 16.15 -16.84 -13.53
CA GLY B 282 15.68 -15.82 -14.46
C GLY B 282 14.19 -15.68 -14.67
N TYR B 283 13.36 -16.33 -13.82
CA TYR B 283 11.92 -16.19 -14.00
C TYR B 283 11.52 -14.76 -13.61
N ASP B 284 10.93 -14.03 -14.54
CA ASP B 284 10.51 -12.66 -14.30
C ASP B 284 9.07 -12.69 -13.83
N PHE B 285 8.86 -12.72 -12.51
CA PHE B 285 7.52 -12.80 -11.93
C PHE B 285 6.68 -11.55 -12.20
N GLU B 286 7.32 -10.39 -12.23
CA GLU B 286 6.61 -9.16 -12.49
C GLU B 286 6.09 -9.13 -13.92
N ARG B 287 6.92 -9.54 -14.89
CA ARG B 287 6.51 -9.53 -16.30
C ARG B 287 5.57 -10.67 -16.69
N GLU B 288 5.80 -11.87 -16.17
CA GLU B 288 4.93 -13.00 -16.47
C GLU B 288 3.59 -12.92 -15.71
N GLY B 289 3.59 -12.27 -14.56
CA GLY B 289 2.42 -12.21 -13.70
C GLY B 289 2.38 -13.42 -12.79
N TYR B 290 1.68 -13.33 -11.67
CA TYR B 290 1.55 -14.41 -10.73
C TYR B 290 0.19 -14.34 -10.01
N SER B 291 -0.44 -15.49 -9.85
CA SER B 291 -1.70 -15.59 -9.15
C SER B 291 -1.66 -16.72 -8.15
N LEU B 292 -1.99 -16.42 -6.90
CA LEU B 292 -2.07 -17.41 -5.85
C LEU B 292 -3.21 -18.43 -6.15
N VAL B 293 -4.24 -18.03 -6.92
CA VAL B 293 -5.35 -18.87 -7.33
C VAL B 293 -5.08 -19.49 -8.68
N GLY B 294 -5.05 -20.82 -8.72
CA GLY B 294 -4.87 -21.52 -9.98
C GLY B 294 -3.57 -22.29 -10.15
N ILE B 295 -3.12 -22.38 -11.39
CA ILE B 295 -1.96 -23.17 -11.74
C ILE B 295 -0.61 -22.64 -11.21
N ASP B 296 -0.38 -21.31 -11.12
CA ASP B 296 0.93 -20.78 -10.73
C ASP B 296 1.60 -21.46 -9.51
N PRO B 297 0.99 -21.61 -8.31
CA PRO B 297 1.68 -22.33 -7.22
C PRO B 297 1.96 -23.80 -7.53
N PHE B 298 1.07 -24.49 -8.27
CA PHE B 298 1.27 -25.90 -8.60
C PHE B 298 2.42 -26.04 -9.60
N ARG B 299 2.41 -25.21 -10.66
CA ARG B 299 3.42 -25.17 -11.71
C ARG B 299 4.78 -24.83 -11.11
N LEU B 300 4.82 -23.87 -10.18
CA LEU B 300 6.05 -23.50 -9.52
C LEU B 300 6.60 -24.64 -8.66
N LEU B 301 5.73 -25.38 -7.95
CA LEU B 301 6.19 -26.51 -7.14
C LEU B 301 6.66 -27.68 -7.98
N GLN B 302 6.16 -27.81 -9.23
CA GLN B 302 6.63 -28.86 -10.15
C GLN B 302 8.08 -28.55 -10.55
N ASN B 303 8.40 -27.28 -10.75
CA ASN B 303 9.73 -26.81 -11.15
C ASN B 303 10.63 -26.48 -9.96
N SER B 304 10.35 -27.04 -8.76
CA SER B 304 11.13 -26.70 -7.57
C SER B 304 11.78 -27.88 -6.92
N GLN B 305 12.72 -27.62 -6.01
CA GLN B 305 13.35 -28.70 -5.25
C GLN B 305 13.68 -28.19 -3.86
N VAL B 306 12.99 -28.74 -2.88
CA VAL B 306 13.15 -28.34 -1.49
C VAL B 306 13.53 -29.55 -0.65
N TYR B 307 14.40 -29.32 0.33
CA TYR B 307 14.87 -30.36 1.24
C TYR B 307 14.42 -30.06 2.66
N SER B 308 14.42 -31.10 3.49
CA SER B 308 14.10 -30.92 4.89
C SER B 308 14.99 -31.77 5.75
N LEU B 309 15.37 -31.27 6.93
CA LEU B 309 16.03 -32.06 7.95
C LEU B 309 14.95 -33.05 8.48
N ILE B 310 15.35 -34.20 9.00
CA ILE B 310 14.41 -35.24 9.41
C ILE B 310 14.89 -35.98 10.67
N ARG B 311 13.97 -36.27 11.58
CA ARG B 311 14.30 -37.00 12.81
C ARG B 311 14.45 -38.50 12.50
N PRO B 312 15.15 -39.25 13.35
CA PRO B 312 15.42 -40.66 13.04
C PRO B 312 14.20 -41.56 12.76
N ASN B 313 13.07 -41.33 13.45
CA ASN B 313 11.92 -42.22 13.19
C ASN B 313 10.78 -41.53 12.45
N GLU B 314 11.12 -40.54 11.63
CA GLU B 314 10.11 -39.88 10.81
C GLU B 314 10.05 -40.43 9.38
N ASN B 315 8.83 -40.57 8.83
CA ASN B 315 8.62 -41.02 7.46
C ASN B 315 8.76 -39.79 6.54
N PRO B 316 9.67 -39.83 5.54
CA PRO B 316 9.85 -38.66 4.67
C PRO B 316 8.66 -38.36 3.77
N ALA B 317 7.86 -39.38 3.42
CA ALA B 317 6.63 -39.18 2.66
C ALA B 317 5.58 -38.40 3.50
N HIS B 318 5.60 -38.59 4.84
CA HIS B 318 4.71 -37.94 5.78
C HIS B 318 5.22 -36.53 6.02
N LYS B 319 6.54 -36.33 6.17
CA LYS B 319 7.12 -34.98 6.29
C LYS B 319 6.78 -34.15 5.05
N SER B 320 6.83 -34.79 3.86
CA SER B 320 6.50 -34.18 2.57
C SER B 320 5.05 -33.79 2.47
N GLN B 321 4.13 -34.61 3.03
CA GLN B 321 2.71 -34.32 2.96
C GLN B 321 2.39 -33.08 3.78
N LEU B 322 2.95 -32.99 4.99
CA LEU B 322 2.78 -31.88 5.92
C LEU B 322 3.19 -30.55 5.25
N VAL B 323 4.31 -30.55 4.55
CA VAL B 323 4.81 -29.37 3.86
C VAL B 323 3.97 -29.05 2.61
N TRP B 324 3.48 -30.09 1.92
CA TRP B 324 2.63 -29.94 0.74
C TRP B 324 1.32 -29.28 1.12
N MET B 325 0.73 -29.69 2.25
CA MET B 325 -0.52 -29.15 2.78
C MET B 325 -0.37 -27.70 3.20
N ALA B 326 0.76 -27.36 3.79
CA ALA B 326 1.10 -26.02 4.22
C ALA B 326 1.30 -25.13 2.98
N CYS B 327 1.94 -25.65 1.92
CA CYS B 327 2.16 -24.88 0.69
C CYS B 327 0.84 -24.54 0.04
N HIS B 328 -0.07 -25.51 -0.01
CA HIS B 328 -1.35 -25.31 -0.65
C HIS B 328 -2.46 -24.84 0.29
N SER B 329 -2.13 -24.39 1.52
CA SER B 329 -3.14 -23.93 2.50
C SER B 329 -4.32 -24.93 2.64
N ALA B 330 -4.01 -26.23 2.65
CA ALA B 330 -4.95 -27.33 2.56
C ALA B 330 -5.27 -28.07 3.86
N ALA B 331 -4.74 -27.62 5.02
CA ALA B 331 -4.98 -28.28 6.31
C ALA B 331 -6.44 -28.47 6.66
N PHE B 332 -7.29 -27.55 6.18
CA PHE B 332 -8.72 -27.55 6.46
C PHE B 332 -9.59 -28.07 5.31
N GLU B 333 -8.98 -28.65 4.26
CA GLU B 333 -9.70 -29.22 3.13
C GLU B 333 -10.08 -30.69 3.35
N ASP B 334 -11.04 -31.18 2.55
CA ASP B 334 -11.46 -32.56 2.61
C ASP B 334 -10.31 -33.40 2.01
N LEU B 335 -9.79 -34.34 2.80
CA LEU B 335 -8.69 -35.22 2.44
C LEU B 335 -8.94 -35.96 1.13
N ARG B 336 -10.18 -36.40 0.88
CA ARG B 336 -10.55 -37.09 -0.36
C ARG B 336 -10.41 -36.19 -1.58
N VAL B 337 -10.63 -34.89 -1.42
CA VAL B 337 -10.45 -33.93 -2.50
C VAL B 337 -8.94 -33.79 -2.77
N LEU B 338 -8.14 -33.59 -1.72
CA LEU B 338 -6.69 -33.42 -1.83
C LEU B 338 -6.03 -34.66 -2.40
N SER B 339 -6.56 -35.85 -2.11
CA SER B 339 -5.98 -37.08 -2.61
C SER B 339 -6.19 -37.20 -4.11
N PHE B 340 -7.36 -36.77 -4.62
CA PHE B 340 -7.60 -36.82 -6.06
C PHE B 340 -6.69 -35.86 -6.81
N ILE B 341 -6.45 -34.69 -6.24
CA ILE B 341 -5.59 -33.66 -6.81
C ILE B 341 -4.11 -34.06 -6.74
N LYS B 342 -3.64 -34.52 -5.58
CA LYS B 342 -2.23 -34.88 -5.42
C LYS B 342 -1.85 -36.14 -6.20
N GLY B 343 -2.77 -37.10 -6.28
CA GLY B 343 -2.50 -38.33 -6.98
C GLY B 343 -2.05 -39.47 -6.09
N THR B 344 -1.80 -39.17 -4.80
CA THR B 344 -1.47 -40.11 -3.73
C THR B 344 -2.51 -39.89 -2.61
N LYS B 345 -2.65 -40.85 -1.71
CA LYS B 345 -3.60 -40.73 -0.60
C LYS B 345 -3.08 -39.78 0.47
N VAL B 346 -3.84 -38.72 0.76
CA VAL B 346 -3.51 -37.74 1.79
C VAL B 346 -4.16 -38.17 3.13
N LEU B 347 -3.31 -38.54 4.09
CA LEU B 347 -3.66 -39.08 5.40
C LEU B 347 -3.99 -38.02 6.45
N PRO B 348 -4.82 -38.38 7.45
CA PRO B 348 -5.06 -37.43 8.56
C PRO B 348 -3.80 -37.29 9.39
N ARG B 349 -3.57 -36.12 10.01
CA ARG B 349 -2.35 -35.89 10.78
C ARG B 349 -1.96 -37.01 11.75
N GLY B 350 -2.98 -37.57 12.42
CA GLY B 350 -2.79 -38.66 13.37
C GLY B 350 -2.19 -39.93 12.80
N LYS B 351 -2.06 -40.02 11.46
CA LYS B 351 -1.47 -41.19 10.80
C LYS B 351 -0.10 -40.91 10.17
N LEU B 352 0.40 -39.67 10.31
CA LEU B 352 1.70 -39.26 9.83
C LEU B 352 2.70 -39.50 10.94
N SER B 353 3.87 -40.04 10.59
CA SER B 353 4.93 -40.33 11.52
C SER B 353 5.94 -39.22 11.38
N THR B 354 5.53 -38.00 11.75
CA THR B 354 6.37 -36.81 11.69
C THR B 354 5.94 -35.82 12.75
N ARG B 355 6.89 -35.04 13.30
CA ARG B 355 6.61 -34.15 14.42
C ARG B 355 6.74 -32.61 14.17
N GLY B 356 7.15 -32.19 12.97
CA GLY B 356 7.25 -30.75 12.70
C GLY B 356 8.51 -30.36 11.94
N VAL B 357 8.43 -29.34 11.11
CA VAL B 357 9.55 -28.87 10.31
C VAL B 357 10.67 -28.23 11.16
N GLN B 358 10.31 -27.35 12.10
CA GLN B 358 11.30 -26.69 12.94
C GLN B 358 11.97 -27.61 13.97
N ILE B 359 13.29 -27.54 14.04
CA ILE B 359 14.08 -28.29 14.99
C ILE B 359 14.20 -27.45 16.26
N ALA B 360 13.92 -28.05 17.39
CA ALA B 360 14.06 -27.42 18.67
C ALA B 360 15.55 -27.30 19.04
N SER B 361 15.89 -26.30 19.86
CA SER B 361 17.24 -26.04 20.35
C SER B 361 17.80 -27.21 21.17
N ASN B 362 16.93 -28.06 21.75
CA ASN B 362 17.43 -29.20 22.54
C ASN B 362 17.56 -30.51 21.72
N GLU B 363 17.35 -30.46 20.39
CA GLU B 363 17.46 -31.65 19.56
C GLU B 363 18.88 -32.00 19.18
N ASN B 364 19.16 -33.31 19.09
CA ASN B 364 20.49 -33.81 18.78
C ASN B 364 20.74 -33.85 17.27
N MET B 365 21.58 -32.92 16.79
CA MET B 365 21.95 -32.78 15.38
C MET B 365 22.77 -33.96 14.84
N GLU B 366 23.47 -34.72 15.71
CA GLU B 366 24.27 -35.88 15.29
C GLU B 366 23.40 -37.00 14.69
N THR B 367 22.11 -37.11 15.11
CA THR B 367 21.20 -38.12 14.56
C THR B 367 20.38 -37.62 13.36
N MET B 368 20.34 -36.29 13.17
CA MET B 368 19.58 -35.63 12.13
C MET B 368 20.07 -35.97 10.73
N GLU B 369 19.13 -36.23 9.83
CA GLU B 369 19.46 -36.45 8.42
C GLU B 369 18.67 -35.45 7.54
N SER B 370 18.79 -35.53 6.22
CA SER B 370 18.05 -34.68 5.31
C SER B 370 17.34 -35.54 4.27
N SER B 371 16.24 -35.03 3.73
CA SER B 371 15.52 -35.73 2.69
C SER B 371 14.91 -34.75 1.68
N THR B 372 14.59 -35.24 0.50
CA THR B 372 13.94 -34.43 -0.53
C THR B 372 12.43 -34.48 -0.27
N LEU B 373 11.80 -33.31 -0.21
CA LEU B 373 10.39 -33.16 -0.01
C LEU B 373 9.60 -33.37 -1.30
N GLU B 374 8.60 -34.26 -1.29
CA GLU B 374 7.77 -34.52 -2.45
C GLU B 374 6.66 -33.50 -2.44
N LEU B 375 6.84 -32.38 -3.18
CA LEU B 375 5.84 -31.32 -3.21
C LEU B 375 5.06 -31.23 -4.52
N ARG B 376 5.12 -32.27 -5.34
CA ARG B 376 4.42 -32.30 -6.61
C ARG B 376 2.96 -32.72 -6.48
N SER B 377 2.21 -32.60 -7.59
CA SER B 377 0.80 -32.96 -7.67
C SER B 377 0.46 -33.56 -9.04
N ARG B 378 -0.51 -34.48 -9.07
CA ARG B 378 -0.97 -35.10 -10.31
C ARG B 378 -1.74 -34.06 -11.12
N TYR B 379 -2.63 -33.30 -10.46
CA TYR B 379 -3.46 -32.27 -11.08
C TYR B 379 -3.38 -30.97 -10.30
N TRP B 380 -3.93 -29.89 -10.88
CA TRP B 380 -4.08 -28.59 -10.24
C TRP B 380 -5.59 -28.25 -10.21
N ALA B 381 -6.00 -27.32 -9.33
CA ALA B 381 -7.39 -26.97 -9.19
C ALA B 381 -7.57 -25.49 -8.80
N ILE B 382 -8.77 -24.93 -8.95
CA ILE B 382 -9.02 -23.54 -8.65
C ILE B 382 -9.84 -23.40 -7.37
N ARG B 383 -9.50 -22.39 -6.57
CA ARG B 383 -10.18 -22.11 -5.32
C ARG B 383 -11.44 -21.26 -5.50
N THR B 384 -12.59 -21.85 -5.16
CA THR B 384 -13.89 -21.21 -5.25
C THR B 384 -13.99 -20.06 -4.22
N SER B 432 -34.10 -14.60 21.10
CA SER B 432 -33.59 -15.76 20.37
C SER B 432 -34.18 -15.84 18.94
N ASP B 433 -34.58 -14.70 18.36
CA ASP B 433 -35.21 -14.59 17.04
C ASP B 433 -34.36 -15.18 15.90
N MET B 434 -33.11 -14.75 15.82
CA MET B 434 -32.13 -15.15 14.81
C MET B 434 -31.56 -16.55 15.08
N ARG B 435 -31.57 -17.00 16.37
CA ARG B 435 -31.12 -18.34 16.76
C ARG B 435 -32.01 -19.42 16.15
N THR B 436 -33.36 -19.25 16.22
CA THR B 436 -34.27 -20.23 15.63
C THR B 436 -34.18 -20.26 14.11
N GLU B 437 -33.84 -19.12 13.48
CA GLU B 437 -33.67 -19.03 12.03
C GLU B 437 -32.40 -19.78 11.60
N ILE B 438 -31.32 -19.67 12.39
CA ILE B 438 -30.05 -20.36 12.13
C ILE B 438 -30.21 -21.87 12.39
N ILE B 439 -30.94 -22.24 13.44
CA ILE B 439 -31.20 -23.65 13.75
C ILE B 439 -31.99 -24.29 12.60
N ARG B 440 -32.98 -23.56 12.07
CA ARG B 440 -33.81 -24.03 10.95
C ARG B 440 -32.96 -24.28 9.71
N MET B 441 -31.97 -23.40 9.44
CA MET B 441 -31.08 -23.53 8.28
C MET B 441 -30.09 -24.67 8.47
N MET B 442 -29.59 -24.87 9.69
CA MET B 442 -28.64 -25.92 10.03
C MET B 442 -29.28 -27.31 9.93
N GLU B 443 -30.57 -27.41 10.31
CA GLU B 443 -31.28 -28.68 10.28
C GLU B 443 -31.75 -29.07 8.87
N SER B 444 -31.95 -28.10 7.97
CA SER B 444 -32.38 -28.39 6.60
C SER B 444 -31.19 -28.64 5.65
N ALA B 445 -30.01 -28.06 5.96
CA ALA B 445 -28.82 -28.26 5.14
C ALA B 445 -28.20 -29.63 5.44
N ARG B 446 -28.04 -30.47 4.40
CA ARG B 446 -27.50 -31.81 4.56
C ARG B 446 -26.49 -32.16 3.46
N GLY B 456 -14.08 -29.28 -12.30
CA GLY B 456 -13.14 -30.39 -12.27
C GLY B 456 -11.68 -30.03 -12.03
N VAL B 457 -10.81 -31.05 -12.11
CA VAL B 457 -9.36 -30.87 -11.93
C VAL B 457 -8.67 -30.82 -13.29
N PHE B 458 -7.42 -30.34 -13.34
CA PHE B 458 -6.73 -30.18 -14.60
C PHE B 458 -5.38 -30.79 -14.61
N GLU B 459 -4.98 -31.36 -15.76
CA GLU B 459 -3.63 -31.90 -15.92
C GLU B 459 -2.66 -30.72 -15.92
N LEU B 460 -1.46 -30.91 -15.36
CA LEU B 460 -0.47 -29.84 -15.30
C LEU B 460 -0.15 -29.20 -16.65
N SER B 461 -0.27 -29.98 -17.76
CA SER B 461 -0.02 -29.48 -19.11
C SER B 461 -1.12 -28.53 -19.59
N ASP B 462 -2.38 -28.83 -19.22
CA ASP B 462 -3.55 -28.01 -19.56
C ASP B 462 -3.50 -26.75 -18.69
N GLU B 463 -2.82 -25.73 -19.16
CA GLU B 463 -2.65 -24.49 -18.41
C GLU B 463 -3.84 -23.55 -18.52
N LYS B 464 -4.61 -23.63 -19.61
CA LYS B 464 -5.73 -22.73 -19.83
C LYS B 464 -7.08 -23.24 -19.26
N ALA B 465 -7.07 -24.37 -18.52
CA ALA B 465 -8.23 -24.98 -17.87
C ALA B 465 -9.44 -25.26 -18.80
N ALA B 466 -9.16 -25.73 -20.02
CA ALA B 466 -10.19 -26.03 -21.02
C ALA B 466 -10.63 -27.51 -21.03
N SER B 467 -9.84 -28.41 -20.40
CA SER B 467 -10.17 -29.82 -20.36
C SER B 467 -10.31 -30.36 -18.93
N PRO B 468 -11.46 -30.15 -18.29
CA PRO B 468 -11.64 -30.62 -16.92
C PRO B 468 -11.78 -32.14 -16.80
N ILE B 469 -11.26 -32.69 -15.71
CA ILE B 469 -11.32 -34.10 -15.41
C ILE B 469 -12.37 -34.32 -14.32
N VAL B 470 -13.07 -35.47 -14.35
CA VAL B 470 -14.09 -35.81 -13.38
C VAL B 470 -13.42 -36.19 -12.07
N PRO B 471 -13.66 -35.44 -10.98
CA PRO B 471 -13.02 -35.80 -9.70
C PRO B 471 -13.76 -36.89 -8.94
N SER B 472 -13.19 -38.10 -8.86
CA SER B 472 -13.82 -39.22 -8.16
C SER B 472 -13.29 -39.29 -6.72
N PHE B 473 -14.13 -39.71 -5.76
CA PHE B 473 -13.69 -39.81 -4.37
C PHE B 473 -14.11 -41.14 -3.78
N ASP B 474 -13.18 -41.81 -3.08
CA ASP B 474 -13.54 -43.05 -2.40
C ASP B 474 -14.14 -42.61 -1.08
N MET B 475 -15.47 -42.59 -1.00
CA MET B 475 -16.22 -42.13 0.18
C MET B 475 -15.96 -42.96 1.46
N SER B 476 -15.14 -44.01 1.37
CA SER B 476 -14.76 -44.80 2.55
C SER B 476 -13.51 -44.17 3.25
N ASN B 477 -12.73 -43.36 2.52
CA ASN B 477 -11.57 -42.67 3.05
C ASN B 477 -11.96 -41.58 4.05
N GLU B 478 -11.00 -41.20 4.89
CA GLU B 478 -11.18 -40.16 5.86
C GLU B 478 -11.13 -38.81 5.14
N GLY B 479 -12.06 -37.92 5.46
CA GLY B 479 -12.13 -36.60 4.85
C GLY B 479 -11.67 -35.47 5.76
N SER B 480 -11.38 -35.75 7.04
CA SER B 480 -10.90 -34.70 7.94
C SER B 480 -9.46 -34.92 8.36
N TYR B 481 -8.61 -33.89 8.19
CA TYR B 481 -7.20 -33.96 8.58
C TYR B 481 -7.03 -34.14 10.09
N PHE B 482 -7.99 -33.62 10.88
CA PHE B 482 -7.93 -33.63 12.36
C PHE B 482 -8.56 -34.85 13.02
N PHE B 483 -8.93 -35.88 12.25
CA PHE B 483 -9.53 -37.09 12.82
C PHE B 483 -8.44 -37.94 13.45
N GLY B 484 -8.56 -38.16 14.75
CA GLY B 484 -7.60 -38.94 15.53
C GLY B 484 -6.27 -38.27 15.65
N ASP B 485 -6.29 -36.93 15.72
CA ASP B 485 -5.12 -36.05 15.76
C ASP B 485 -4.31 -36.25 17.01
N ASN B 486 -3.00 -36.41 16.83
CA ASN B 486 -2.06 -36.61 17.94
C ASN B 486 -0.82 -35.67 17.80
N ALA B 487 -0.90 -34.63 16.96
CA ALA B 487 0.19 -33.68 16.76
C ALA B 487 0.41 -32.84 18.00
N GLU B 488 1.63 -32.33 18.19
CA GLU B 488 1.96 -31.48 19.34
C GLU B 488 1.04 -30.28 19.42
N GLU B 489 0.62 -29.93 20.65
CA GLU B 489 -0.20 -28.74 20.87
C GLU B 489 0.70 -27.51 20.62
N TYR B 490 0.17 -26.52 19.91
CA TYR B 490 0.88 -25.29 19.61
C TYR B 490 1.36 -24.49 20.84
N ASP B 491 2.67 -24.47 21.05
CA ASP B 491 3.35 -23.72 22.11
C ASP B 491 4.51 -22.94 21.45
N ASN B 492 4.93 -21.83 22.08
CA ASN B 492 6.02 -21.02 21.54
C ASN B 492 7.40 -21.33 22.16
#